data_8BLB
#
_entry.id   8BLB
#
_cell.length_a   1.00
_cell.length_b   1.00
_cell.length_c   1.00
_cell.angle_alpha   90.00
_cell.angle_beta   90.00
_cell.angle_gamma   90.00
#
_symmetry.space_group_name_H-M   'P 1'
#
loop_
_entity.id
_entity.type
_entity.pdbx_description
1 polymer '5-hydroxytryptamine receptor 3A'
2 branched 2-acetamido-2-deoxy-beta-D-glucopyranose-(1-4)-2-acetamido-2-deoxy-beta-D-glucopyranose
3 non-polymer 2-acetamido-2-deoxy-beta-D-glucopyranose
4 non-polymer Vortioxetine
#
_entity_poly.entity_id   1
_entity_poly.type   'polypeptide(L)'
_entity_poly.pdbx_seq_one_letter_code
;TTRPALLRLSDYLLTNYRKGVRPVRDWRKPTTVSIDVIVYAILNVDEKNQVLTTYIWYRQYWTDEFLQWNPEDFDNITKL
SIPTDSIWVPDILINEFVDVGKSPNIPYVYIRHQGEVQNYKPLQVVTACSLDIYNFPFDVQNCSLTFTSWLHTIQDINIS
LWRLPEKVKSDRSVFMNQGEWELLGVLPYFREFSMESSNYYAEMKFYVVIRRRPLFYVVSLLLPSIFLMVMDIVGFYLPP
NSGERVSFKITLLLGYSVFLIIVSDTLPATAIGTPLIGVYFVVCMALLVISLAETIFIVRLVHKQDLQQPVPAWLRHLVL
ERIAWLLCLREQSTSQRPPATSQATKTDDCSAMGNHCSHMGGPQDFEKSPRDRCSPPPPPREASLAVCGLLQELSSIRQF
LEKRDEIREVARDWLRVGSVLDKLLFHIYLLAVLAYSITLVMLWSIWQYA
;
_entity_poly.pdbx_strand_id   A,B,C,D,E
#
loop_
_chem_comp.id
_chem_comp.type
_chem_comp.name
_chem_comp.formula
NAG D-saccharide, beta linking 2-acetamido-2-deoxy-beta-D-glucopyranose 'C8 H15 N O6'
VTX non-polymer Vortioxetine 'C18 H22 N2 S'
#
# COMPACT_ATOMS: atom_id res chain seq x y z
N ARG A 3 8.52 -34.20 16.88
CA ARG A 3 7.86 -32.92 16.47
C ARG A 3 7.13 -32.29 17.64
N PRO A 4 7.27 -30.97 17.82
CA PRO A 4 6.51 -30.30 18.89
C PRO A 4 5.02 -30.31 18.59
N ALA A 5 4.23 -30.23 19.66
CA ALA A 5 2.78 -30.35 19.52
C ALA A 5 2.22 -29.24 18.64
N LEU A 6 2.73 -28.01 18.80
CA LEU A 6 2.21 -26.89 18.01
C LEU A 6 2.40 -27.14 16.52
N LEU A 7 3.58 -27.60 16.12
CA LEU A 7 3.83 -27.87 14.71
C LEU A 7 2.91 -28.96 14.18
N ARG A 8 2.74 -30.04 14.95
CA ARG A 8 1.87 -31.13 14.53
C ARG A 8 0.44 -30.62 14.34
N LEU A 9 -0.05 -29.83 15.30
CA LEU A 9 -1.41 -29.32 15.20
C LEU A 9 -1.56 -28.38 14.00
N SER A 10 -0.59 -27.49 13.80
CA SER A 10 -0.67 -26.56 12.68
C SER A 10 -0.69 -27.29 11.35
N ASP A 11 0.18 -28.31 11.21
CA ASP A 11 0.17 -29.10 9.98
C ASP A 11 -1.15 -29.83 9.80
N TYR A 12 -1.60 -30.53 10.85
CA TYR A 12 -2.85 -31.28 10.77
C TYR A 12 -4.02 -30.37 10.38
N LEU A 13 -3.97 -29.11 10.78
CA LEU A 13 -5.08 -28.20 10.47
C LEU A 13 -4.96 -27.62 9.07
N LEU A 14 -3.79 -27.06 8.72
CA LEU A 14 -3.66 -26.27 7.52
C LEU A 14 -3.19 -27.05 6.29
N THR A 15 -2.83 -28.33 6.45
CA THR A 15 -2.42 -29.12 5.29
C THR A 15 -3.60 -29.63 4.48
N ASN A 16 -4.79 -29.66 5.06
CA ASN A 16 -6.01 -30.12 4.39
C ASN A 16 -7.10 -29.07 4.53
N TYR A 17 -6.75 -27.80 4.31
CA TYR A 17 -7.67 -26.70 4.49
C TYR A 17 -7.33 -25.60 3.49
N ARG A 18 -8.37 -24.96 2.95
CA ARG A 18 -8.20 -23.85 2.02
C ARG A 18 -9.16 -22.73 2.41
N LYS A 19 -8.74 -21.50 2.16
CA LYS A 19 -9.39 -20.31 2.69
C LYS A 19 -10.50 -19.76 1.80
N GLY A 20 -10.64 -20.26 0.57
CA GLY A 20 -11.62 -19.68 -0.33
C GLY A 20 -13.05 -19.91 0.10
N VAL A 21 -13.33 -21.08 0.67
CA VAL A 21 -14.70 -21.50 0.93
C VAL A 21 -15.17 -20.98 2.28
N ARG A 22 -16.49 -20.99 2.47
CA ARG A 22 -17.07 -20.73 3.79
C ARG A 22 -16.92 -21.96 4.65
N PRO A 23 -16.38 -21.85 5.87
CA PRO A 23 -16.09 -23.04 6.69
C PRO A 23 -17.31 -23.64 7.38
N VAL A 24 -18.05 -24.46 6.64
CA VAL A 24 -19.20 -25.19 7.17
C VAL A 24 -19.26 -26.56 6.51
N ARG A 25 -19.53 -27.59 7.31
CA ARG A 25 -19.67 -28.93 6.76
C ARG A 25 -20.85 -29.01 5.79
N ASP A 26 -21.97 -28.40 6.15
CA ASP A 26 -23.16 -28.36 5.31
C ASP A 26 -23.41 -26.92 4.88
N TRP A 27 -23.51 -26.70 3.58
CA TRP A 27 -23.72 -25.37 3.04
C TRP A 27 -25.08 -24.78 3.41
N ARG A 28 -26.02 -25.62 3.84
CA ARG A 28 -27.39 -25.17 4.10
C ARG A 28 -27.51 -24.37 5.39
N LYS A 29 -26.47 -24.35 6.24
CA LYS A 29 -26.53 -23.61 7.49
C LYS A 29 -25.72 -22.31 7.38
N PRO A 30 -26.19 -21.21 7.96
CA PRO A 30 -25.43 -19.97 7.92
C PRO A 30 -24.26 -19.99 8.90
N THR A 31 -23.32 -19.07 8.65
CA THR A 31 -22.14 -18.92 9.49
C THR A 31 -22.40 -17.74 10.43
N THR A 32 -22.90 -18.04 11.63
CA THR A 32 -23.22 -16.99 12.59
C THR A 32 -21.94 -16.34 13.10
N VAL A 33 -21.93 -15.01 13.13
CA VAL A 33 -20.79 -14.23 13.59
C VAL A 33 -21.25 -13.37 14.76
N SER A 34 -20.50 -13.41 15.86
CA SER A 34 -20.76 -12.59 17.03
C SER A 34 -19.71 -11.49 17.09
N ILE A 35 -20.16 -10.25 17.26
CA ILE A 35 -19.28 -9.09 17.22
C ILE A 35 -19.48 -8.26 18.49
N ASP A 36 -18.45 -7.49 18.83
CA ASP A 36 -18.50 -6.56 19.95
C ASP A 36 -17.75 -5.30 19.57
N VAL A 37 -18.19 -4.17 20.14
CA VAL A 37 -17.60 -2.87 19.83
C VAL A 37 -17.31 -2.15 21.14
N ILE A 38 -16.07 -1.66 21.27
CA ILE A 38 -15.67 -0.83 22.39
C ILE A 38 -15.05 0.44 21.83
N VAL A 39 -15.54 1.59 22.29
CA VAL A 39 -15.08 2.89 21.79
C VAL A 39 -13.91 3.32 22.65
N TYR A 40 -12.72 3.34 22.06
CA TYR A 40 -11.50 3.71 22.78
C TYR A 40 -11.29 5.22 22.85
N ALA A 41 -11.67 5.95 21.79
CA ALA A 41 -11.50 7.39 21.76
C ALA A 41 -12.27 7.95 20.58
N ILE A 42 -12.53 9.26 20.65
CA ILE A 42 -13.19 10.00 19.57
C ILE A 42 -12.21 11.09 19.13
N LEU A 43 -11.44 10.80 18.10
CA LEU A 43 -10.34 11.68 17.72
C LEU A 43 -10.85 13.03 17.22
N ASN A 44 -11.88 13.01 16.36
CA ASN A 44 -12.35 14.24 15.74
C ASN A 44 -13.82 14.10 15.38
N VAL A 45 -14.53 15.23 15.49
CA VAL A 45 -15.93 15.34 15.05
C VAL A 45 -16.00 16.58 14.17
N ASP A 46 -16.15 16.37 12.87
CA ASP A 46 -16.11 17.46 11.89
C ASP A 46 -17.54 17.80 11.48
N GLU A 47 -18.04 18.95 11.94
CA GLU A 47 -19.35 19.42 11.51
C GLU A 47 -19.30 19.97 10.09
N LYS A 48 -18.16 20.52 9.68
CA LYS A 48 -18.04 21.08 8.33
C LYS A 48 -18.23 20.00 7.27
N ASN A 49 -17.50 18.89 7.40
CA ASN A 49 -17.59 17.79 6.45
C ASN A 49 -18.62 16.75 6.88
N GLN A 50 -19.28 16.93 8.02
CA GLN A 50 -20.31 16.01 8.49
C GLN A 50 -19.76 14.60 8.67
N VAL A 51 -18.53 14.51 9.19
CA VAL A 51 -17.90 13.22 9.48
C VAL A 51 -17.25 13.30 10.85
N LEU A 52 -17.11 12.14 11.48
CA LEU A 52 -16.41 12.02 12.75
C LEU A 52 -15.52 10.78 12.73
N THR A 53 -14.43 10.84 13.46
CA THR A 53 -13.46 9.75 13.54
C THR A 53 -13.57 9.08 14.90
N THR A 54 -13.68 7.75 14.90
CA THR A 54 -13.77 6.97 16.12
C THR A 54 -12.71 5.88 16.10
N TYR A 55 -11.93 5.79 17.17
CA TYR A 55 -10.95 4.72 17.36
C TYR A 55 -11.61 3.71 18.29
N ILE A 56 -12.12 2.62 17.72
CA ILE A 56 -12.88 1.63 18.44
C ILE A 56 -12.15 0.29 18.39
N TRP A 57 -12.18 -0.43 19.51
CA TRP A 57 -11.60 -1.76 19.60
C TRP A 57 -12.66 -2.78 19.19
N TYR A 58 -12.44 -3.45 18.07
CA TYR A 58 -13.41 -4.36 17.46
C TYR A 58 -12.93 -5.80 17.62
N ARG A 59 -13.81 -6.65 18.15
CA ARG A 59 -13.53 -8.07 18.28
C ARG A 59 -14.75 -8.85 17.80
N GLN A 60 -14.49 -10.01 17.19
CA GLN A 60 -15.54 -10.87 16.69
C GLN A 60 -15.08 -12.31 16.76
N TYR A 61 -16.04 -13.23 16.76
CA TYR A 61 -15.72 -14.64 16.73
C TYR A 61 -16.76 -15.39 15.93
N TRP A 62 -16.33 -16.52 15.35
CA TRP A 62 -17.20 -17.38 14.58
C TRP A 62 -16.66 -18.81 14.68
N THR A 63 -17.40 -19.74 14.09
CA THR A 63 -17.08 -21.16 14.19
C THR A 63 -16.59 -21.66 12.84
N ASP A 64 -15.39 -22.23 12.82
CA ASP A 64 -14.84 -22.90 11.65
C ASP A 64 -14.97 -24.41 11.87
N GLU A 65 -15.93 -25.03 11.19
CA GLU A 65 -16.22 -26.44 11.40
C GLU A 65 -15.11 -27.35 10.89
N PHE A 66 -14.16 -26.81 10.13
CA PHE A 66 -13.01 -27.59 9.68
C PHE A 66 -11.83 -27.48 10.64
N LEU A 67 -11.71 -26.36 11.35
CA LEU A 67 -10.54 -26.09 12.20
C LEU A 67 -10.81 -26.53 13.63
N GLN A 68 -11.11 -27.83 13.78
CA GLN A 68 -11.39 -28.42 15.08
C GLN A 68 -10.56 -29.69 15.26
N TRP A 69 -10.24 -29.98 16.51
CA TRP A 69 -9.38 -31.11 16.84
C TRP A 69 -9.67 -31.56 18.26
N ASN A 70 -9.18 -32.75 18.60
CA ASN A 70 -9.26 -33.26 19.96
C ASN A 70 -7.97 -32.95 20.71
N PRO A 71 -8.01 -32.14 21.78
CA PRO A 71 -6.74 -31.75 22.43
C PRO A 71 -5.87 -32.91 22.86
N GLU A 72 -6.46 -33.99 23.35
CA GLU A 72 -5.68 -35.08 23.93
C GLU A 72 -4.72 -35.71 22.92
N ASP A 73 -4.96 -35.54 21.62
CA ASP A 73 -4.06 -36.04 20.59
C ASP A 73 -2.96 -35.04 20.23
N PHE A 74 -2.99 -33.84 20.81
CA PHE A 74 -2.01 -32.79 20.53
C PHE A 74 -1.51 -32.16 21.82
N ASP A 75 -1.16 -33.01 22.78
CA ASP A 75 -0.60 -32.56 24.06
C ASP A 75 -1.53 -31.58 24.76
N ASN A 76 -2.83 -31.87 24.73
CA ASN A 76 -3.83 -31.09 25.46
C ASN A 76 -3.77 -29.61 25.09
N ILE A 77 -3.56 -29.31 23.81
CA ILE A 77 -3.58 -27.94 23.33
C ILE A 77 -5.04 -27.53 23.13
N THR A 78 -5.51 -26.59 23.94
CA THR A 78 -6.89 -26.13 23.85
C THR A 78 -7.07 -24.96 22.90
N LYS A 79 -6.03 -24.15 22.69
CA LYS A 79 -6.11 -23.02 21.77
C LYS A 79 -4.73 -22.71 21.24
N LEU A 80 -4.69 -22.08 20.07
CA LEU A 80 -3.44 -21.68 19.44
C LEU A 80 -3.73 -20.52 18.50
N SER A 81 -2.65 -19.84 18.09
CA SER A 81 -2.74 -18.67 17.23
C SER A 81 -2.08 -18.96 15.90
N ILE A 82 -2.76 -18.58 14.81
CA ILE A 82 -2.22 -18.72 13.45
C ILE A 82 -2.54 -17.46 12.67
N PRO A 83 -1.82 -17.24 11.56
CA PRO A 83 -2.04 -16.01 10.79
C PRO A 83 -3.48 -15.90 10.31
N THR A 84 -3.99 -14.67 10.28
CA THR A 84 -5.37 -14.43 9.88
C THR A 84 -5.57 -14.66 8.38
N ASP A 85 -4.50 -14.51 7.58
CA ASP A 85 -4.59 -14.68 6.14
C ASP A 85 -4.58 -16.14 5.71
N SER A 86 -4.38 -17.07 6.63
CA SER A 86 -4.33 -18.49 6.31
C SER A 86 -5.67 -19.18 6.49
N ILE A 87 -6.74 -18.44 6.83
CA ILE A 87 -8.05 -19.02 7.06
C ILE A 87 -9.10 -18.11 6.44
N TRP A 88 -10.34 -18.60 6.42
CA TRP A 88 -11.46 -17.79 5.96
C TRP A 88 -11.82 -16.74 7.01
N VAL A 89 -12.07 -15.51 6.54
CA VAL A 89 -12.45 -14.41 7.42
C VAL A 89 -13.71 -13.76 6.84
N PRO A 90 -14.76 -13.55 7.63
CA PRO A 90 -15.98 -12.97 7.07
C PRO A 90 -15.74 -11.54 6.58
N ASP A 91 -16.46 -11.17 5.54
CA ASP A 91 -16.38 -9.82 4.98
C ASP A 91 -17.35 -8.88 5.70
N ILE A 92 -17.24 -8.83 7.03
CA ILE A 92 -18.09 -7.98 7.85
C ILE A 92 -17.48 -6.58 7.79
N LEU A 93 -18.11 -5.69 7.02
CA LEU A 93 -17.61 -4.35 6.80
C LEU A 93 -18.61 -3.33 7.33
N ILE A 94 -18.09 -2.17 7.73
CA ILE A 94 -18.90 -1.10 8.28
C ILE A 94 -19.32 -0.16 7.17
N ASN A 95 -20.63 0.00 6.98
CA ASN A 95 -21.13 0.96 6.02
C ASN A 95 -20.97 2.37 6.57
N GLU A 96 -21.41 3.35 5.79
CA GLU A 96 -21.30 4.76 6.13
C GLU A 96 -19.87 5.23 6.28
N PHE A 97 -18.90 4.39 5.89
CA PHE A 97 -17.49 4.70 6.09
C PHE A 97 -16.99 5.64 5.00
N VAL A 98 -15.95 6.40 5.35
CA VAL A 98 -15.28 7.28 4.38
C VAL A 98 -13.79 7.01 4.27
N ASP A 99 -13.15 6.40 5.27
CA ASP A 99 -11.73 6.10 5.20
C ASP A 99 -11.40 5.06 6.26
N VAL A 100 -10.79 3.96 5.85
CA VAL A 100 -10.40 2.89 6.76
C VAL A 100 -8.96 2.45 6.59
N GLY A 101 -8.19 3.12 5.72
CA GLY A 101 -6.80 2.73 5.52
C GLY A 101 -5.93 2.90 6.74
N LYS A 102 -6.34 3.75 7.69
CA LYS A 102 -5.54 3.96 8.89
C LYS A 102 -5.49 2.73 9.78
N SER A 103 -6.40 1.78 9.59
CA SER A 103 -6.45 0.59 10.45
C SER A 103 -5.38 -0.40 10.03
N PRO A 104 -4.46 -0.80 10.92
CA PRO A 104 -3.49 -1.82 10.55
C PRO A 104 -4.11 -3.22 10.55
N ASN A 105 -3.49 -4.10 9.77
CA ASN A 105 -3.96 -5.48 9.64
C ASN A 105 -3.31 -6.35 10.72
N ILE A 106 -4.12 -6.88 11.62
CA ILE A 106 -3.58 -7.74 12.69
C ILE A 106 -3.19 -9.09 12.09
N PRO A 107 -1.97 -9.58 12.32
CA PRO A 107 -1.57 -10.83 11.65
C PRO A 107 -2.25 -12.07 12.21
N TYR A 108 -2.37 -12.20 13.52
CA TYR A 108 -2.78 -13.45 14.14
C TYR A 108 -4.21 -13.38 14.68
N VAL A 109 -4.82 -14.56 14.80
CA VAL A 109 -6.13 -14.73 15.40
C VAL A 109 -6.10 -15.98 16.27
N TYR A 110 -6.86 -15.97 17.35
CA TYR A 110 -6.91 -17.11 18.25
C TYR A 110 -7.95 -18.13 17.78
N ILE A 111 -7.64 -19.41 18.01
CA ILE A 111 -8.50 -20.51 17.61
C ILE A 111 -8.56 -21.50 18.76
N ARG A 112 -9.74 -22.11 18.96
CA ARG A 112 -9.97 -23.09 20.01
C ARG A 112 -10.34 -24.43 19.38
N HIS A 113 -10.15 -25.49 20.17
CA HIS A 113 -10.34 -26.85 19.65
C HIS A 113 -11.78 -27.12 19.23
N GLN A 114 -12.73 -26.32 19.70
CA GLN A 114 -14.12 -26.47 19.29
C GLN A 114 -14.36 -25.96 17.88
N GLY A 115 -13.39 -25.30 17.26
CA GLY A 115 -13.58 -24.66 15.98
C GLY A 115 -13.82 -23.17 16.05
N GLU A 116 -13.99 -22.63 17.26
CA GLU A 116 -14.24 -21.20 17.42
C GLU A 116 -12.99 -20.42 17.03
N VAL A 117 -13.20 -19.33 16.29
CA VAL A 117 -12.13 -18.44 15.87
C VAL A 117 -12.40 -17.07 16.48
N GLN A 118 -11.39 -16.51 17.14
CA GLN A 118 -11.50 -15.20 17.76
C GLN A 118 -10.55 -14.24 17.04
N ASN A 119 -11.08 -13.11 16.58
CA ASN A 119 -10.32 -12.09 15.88
C ASN A 119 -10.47 -10.77 16.62
N TYR A 120 -9.35 -10.23 17.09
CA TYR A 120 -9.30 -8.93 17.73
C TYR A 120 -8.54 -7.97 16.81
N LYS A 121 -9.17 -6.86 16.46
CA LYS A 121 -8.56 -5.90 15.54
C LYS A 121 -8.97 -4.50 15.94
N PRO A 122 -8.14 -3.49 15.68
CA PRO A 122 -8.55 -2.10 15.87
C PRO A 122 -9.16 -1.51 14.60
N LEU A 123 -9.93 -0.45 14.79
CA LEU A 123 -10.59 0.25 13.69
C LEU A 123 -10.40 1.75 13.86
N GLN A 124 -9.81 2.39 12.87
CA GLN A 124 -9.65 3.84 12.81
C GLN A 124 -10.64 4.45 11.83
N VAL A 125 -11.84 3.87 11.76
CA VAL A 125 -12.81 4.25 10.75
C VAL A 125 -13.30 5.67 10.99
N VAL A 126 -13.43 6.43 9.90
CA VAL A 126 -14.10 7.73 9.91
C VAL A 126 -15.41 7.56 9.15
N THR A 127 -16.52 7.94 9.78
CA THR A 127 -17.85 7.69 9.24
C THR A 127 -18.55 9.01 8.94
N ALA A 128 -19.42 8.96 7.93
CA ALA A 128 -20.22 10.11 7.54
C ALA A 128 -21.62 9.97 8.14
N CYS A 129 -22.02 10.95 8.93
CA CYS A 129 -23.34 10.94 9.55
C CYS A 129 -23.78 12.38 9.80
N SER A 130 -25.07 12.56 10.00
CA SER A 130 -25.64 13.89 10.16
C SER A 130 -25.24 14.46 11.53
N LEU A 131 -24.59 15.62 11.51
CA LEU A 131 -24.16 16.30 12.74
C LEU A 131 -24.66 17.74 12.68
N ASP A 132 -25.67 18.04 13.48
CA ASP A 132 -26.22 19.39 13.56
C ASP A 132 -25.53 20.19 14.65
N ILE A 133 -25.36 21.48 14.38
CA ILE A 133 -24.68 22.39 15.30
C ILE A 133 -25.71 23.36 15.88
N TYR A 134 -26.97 22.91 15.95
CA TYR A 134 -28.04 23.77 16.45
C TYR A 134 -27.81 24.16 17.90
N ASN A 135 -27.37 23.21 18.73
CA ASN A 135 -27.16 23.42 20.16
C ASN A 135 -25.67 23.48 20.51
N PHE A 136 -24.88 24.12 19.65
CA PHE A 136 -23.43 24.12 19.72
C PHE A 136 -22.88 24.14 21.15
N PRO A 137 -23.25 25.12 21.97
CA PRO A 137 -22.64 25.20 23.31
C PRO A 137 -22.89 23.97 24.15
N PHE A 138 -24.06 23.36 24.04
CA PHE A 138 -24.43 22.13 24.75
C PHE A 138 -24.87 21.06 23.76
N ASP A 139 -24.14 20.93 22.66
CA ASP A 139 -24.57 20.06 21.57
C ASP A 139 -24.49 18.60 21.98
N VAL A 140 -25.46 17.81 21.51
CA VAL A 140 -25.47 16.37 21.67
C VAL A 140 -25.68 15.75 20.29
N GLN A 141 -24.82 14.81 19.93
CA GLN A 141 -24.84 14.20 18.60
C GLN A 141 -25.23 12.73 18.70
N ASN A 142 -25.71 12.20 17.57
CA ASN A 142 -26.18 10.81 17.49
C ASN A 142 -25.72 10.24 16.15
N CYS A 143 -24.56 9.60 16.16
CA CYS A 143 -23.99 8.97 14.98
C CYS A 143 -24.08 7.45 15.11
N SER A 144 -24.14 6.77 13.97
CA SER A 144 -24.39 5.33 13.94
C SER A 144 -23.29 4.62 13.20
N LEU A 145 -22.90 3.45 13.71
CA LEU A 145 -22.01 2.52 13.03
C LEU A 145 -22.77 1.23 12.78
N THR A 146 -22.81 0.81 11.52
CA THR A 146 -23.54 -0.41 11.12
C THR A 146 -22.55 -1.39 10.52
N PHE A 147 -22.48 -2.58 11.10
CA PHE A 147 -21.61 -3.65 10.62
C PHE A 147 -22.45 -4.70 9.91
N THR A 148 -22.07 -5.03 8.68
CA THR A 148 -22.83 -5.95 7.86
C THR A 148 -21.89 -6.83 7.05
N SER A 149 -22.40 -8.02 6.70
CA SER A 149 -21.74 -8.85 5.70
C SER A 149 -21.93 -8.19 4.34
N TRP A 150 -20.86 -7.60 3.81
CA TRP A 150 -20.99 -6.73 2.64
C TRP A 150 -21.63 -7.49 1.48
N LEU A 151 -21.22 -8.73 1.26
CA LEU A 151 -21.71 -9.53 0.14
C LEU A 151 -22.65 -10.65 0.58
N HIS A 152 -22.24 -11.44 1.57
CA HIS A 152 -23.02 -12.61 1.96
C HIS A 152 -24.37 -12.21 2.52
N THR A 153 -25.40 -12.96 2.16
CA THR A 153 -26.75 -12.73 2.66
C THR A 153 -26.90 -13.30 4.06
N ILE A 154 -28.10 -13.16 4.63
CA ILE A 154 -28.36 -13.70 5.96
C ILE A 154 -28.26 -15.23 5.95
N GLN A 155 -28.64 -15.86 4.84
CA GLN A 155 -28.57 -17.31 4.75
C GLN A 155 -27.14 -17.84 4.74
N ASP A 156 -26.16 -16.97 4.53
CA ASP A 156 -24.75 -17.35 4.55
C ASP A 156 -24.00 -16.81 5.77
N ILE A 157 -24.18 -15.54 6.09
CA ILE A 157 -23.53 -14.92 7.24
C ILE A 157 -24.58 -14.16 8.03
N ASN A 158 -24.60 -14.38 9.35
CA ASN A 158 -25.48 -13.66 10.25
C ASN A 158 -24.66 -13.06 11.38
N ILE A 159 -25.11 -11.92 11.89
CA ILE A 159 -24.37 -11.13 12.86
C ILE A 159 -25.14 -11.11 14.17
N SER A 160 -24.44 -11.36 15.27
CA SER A 160 -25.02 -11.34 16.61
C SER A 160 -24.10 -10.57 17.53
N LEU A 161 -24.49 -10.47 18.80
CA LEU A 161 -23.74 -9.73 19.81
C LEU A 161 -22.96 -10.68 20.70
N TRP A 162 -21.69 -10.36 20.92
CA TRP A 162 -20.86 -11.16 21.83
C TRP A 162 -21.38 -11.04 23.26
N ARG A 163 -21.61 -9.81 23.72
CA ARG A 163 -22.07 -9.54 25.07
C ARG A 163 -23.55 -9.14 25.04
N LEU A 164 -24.14 -9.06 26.23
CA LEU A 164 -25.53 -8.64 26.33
C LEU A 164 -25.65 -7.17 25.93
N PRO A 165 -26.79 -6.77 25.36
CA PRO A 165 -26.90 -5.38 24.87
C PRO A 165 -26.70 -4.34 25.95
N GLU A 166 -27.16 -4.60 27.18
CA GLU A 166 -27.03 -3.60 28.23
C GLU A 166 -25.59 -3.41 28.68
N LYS A 167 -24.80 -4.48 28.71
CA LYS A 167 -23.42 -4.37 29.14
C LYS A 167 -22.60 -3.52 28.16
N VAL A 168 -22.80 -3.73 26.86
CA VAL A 168 -22.09 -2.94 25.86
C VAL A 168 -22.68 -1.53 25.74
N LYS A 169 -23.96 -1.35 26.11
CA LYS A 169 -24.59 -0.04 26.02
C LYS A 169 -23.98 0.95 27.00
N SER A 170 -23.45 0.49 28.13
CA SER A 170 -22.86 1.39 29.13
C SER A 170 -21.39 1.05 29.35
N ASP A 171 -20.66 0.82 28.27
CA ASP A 171 -19.25 0.42 28.33
C ASP A 171 -18.37 1.65 28.16
N ARG A 172 -17.81 2.15 29.26
CA ARG A 172 -16.83 3.23 29.24
C ARG A 172 -15.56 2.81 29.97
N SER A 173 -15.22 1.53 29.90
CA SER A 173 -14.11 1.00 30.68
C SER A 173 -12.75 1.44 30.15
N VAL A 174 -12.63 1.63 28.84
CA VAL A 174 -11.34 1.94 28.23
C VAL A 174 -11.42 3.22 27.42
N PHE A 175 -12.52 3.96 27.57
CA PHE A 175 -12.68 5.21 26.84
C PHE A 175 -11.69 6.26 27.34
N MET A 176 -11.18 7.07 26.40
CA MET A 176 -10.29 8.18 26.73
C MET A 176 -11.18 9.36 27.15
N ASN A 177 -11.51 9.41 28.43
CA ASN A 177 -12.46 10.39 28.95
C ASN A 177 -11.74 11.69 29.34
N GLN A 178 -11.01 12.23 28.38
CA GLN A 178 -10.35 13.52 28.56
C GLN A 178 -10.42 14.39 27.31
N GLY A 179 -11.22 14.03 26.32
CA GLY A 179 -11.36 14.80 25.11
C GLY A 179 -12.53 15.77 25.17
N GLU A 180 -12.75 16.45 24.05
CA GLU A 180 -13.83 17.43 23.97
C GLU A 180 -15.21 16.77 24.03
N TRP A 181 -15.30 15.47 23.75
CA TRP A 181 -16.57 14.76 23.68
C TRP A 181 -16.64 13.69 24.77
N GLU A 182 -17.84 13.48 25.30
CA GLU A 182 -18.11 12.47 26.31
C GLU A 182 -19.08 11.43 25.74
N LEU A 183 -18.77 10.16 25.96
CA LEU A 183 -19.59 9.07 25.46
C LEU A 183 -20.70 8.77 26.46
N LEU A 184 -21.95 8.86 25.99
CA LEU A 184 -23.10 8.55 26.83
C LEU A 184 -23.55 7.10 26.70
N GLY A 185 -23.36 6.48 25.55
CA GLY A 185 -23.73 5.09 25.38
C GLY A 185 -23.48 4.65 23.95
N VAL A 186 -23.49 3.33 23.77
CA VAL A 186 -23.32 2.70 22.47
C VAL A 186 -24.48 1.72 22.31
N LEU A 187 -25.56 2.19 21.69
CA LEU A 187 -26.79 1.40 21.60
C LEU A 187 -26.74 0.48 20.39
N PRO A 188 -26.79 -0.84 20.57
CA PRO A 188 -26.84 -1.74 19.41
C PRO A 188 -28.26 -1.87 18.88
N TYR A 189 -28.35 -2.42 17.67
CA TYR A 189 -29.64 -2.67 17.04
C TYR A 189 -29.49 -3.60 15.85
N PHE A 190 -30.31 -4.64 15.77
CA PHE A 190 -30.26 -5.62 14.70
C PHE A 190 -31.43 -5.40 13.76
N ARG A 191 -31.15 -5.39 12.47
CA ARG A 191 -32.17 -5.21 11.45
C ARG A 191 -31.79 -6.00 10.21
N GLU A 192 -32.80 -6.59 9.55
CA GLU A 192 -32.60 -7.31 8.31
C GLU A 192 -32.77 -6.33 7.15
N PHE A 193 -31.71 -6.11 6.39
CA PHE A 193 -31.69 -5.14 5.32
C PHE A 193 -31.91 -5.84 3.99
N SER A 194 -32.93 -5.40 3.24
CA SER A 194 -33.27 -6.03 1.98
C SER A 194 -33.76 -4.96 1.01
N MET A 195 -33.22 -4.98 -0.20
CA MET A 195 -33.66 -4.12 -1.29
C MET A 195 -34.23 -4.92 -2.45
N GLU A 196 -33.57 -5.99 -2.85
CA GLU A 196 -34.13 -6.89 -3.85
C GLU A 196 -35.27 -7.71 -3.25
N SER A 197 -36.03 -8.35 -4.12
CA SER A 197 -37.19 -9.12 -3.71
C SER A 197 -36.85 -10.46 -3.06
N SER A 198 -35.58 -10.88 -3.11
CA SER A 198 -35.18 -12.19 -2.61
C SER A 198 -33.95 -12.19 -1.71
N ASN A 199 -33.22 -11.08 -1.61
CA ASN A 199 -31.98 -11.03 -0.85
C ASN A 199 -32.20 -10.28 0.45
N TYR A 200 -31.83 -10.92 1.57
CA TYR A 200 -31.89 -10.31 2.89
C TYR A 200 -30.50 -10.33 3.50
N TYR A 201 -30.05 -9.17 3.98
CA TYR A 201 -28.74 -9.03 4.60
C TYR A 201 -28.90 -8.60 6.06
N ALA A 202 -28.08 -9.18 6.92
CA ALA A 202 -28.13 -8.91 8.35
C ALA A 202 -27.08 -7.87 8.71
N GLU A 203 -27.49 -6.84 9.44
CA GLU A 203 -26.59 -5.79 9.89
C GLU A 203 -26.90 -5.44 11.33
N MET A 204 -25.88 -4.91 12.02
CA MET A 204 -26.00 -4.52 13.42
C MET A 204 -25.59 -3.06 13.54
N LYS A 205 -26.54 -2.21 13.94
CA LYS A 205 -26.30 -0.78 14.06
C LYS A 205 -25.89 -0.43 15.49
N PHE A 206 -24.79 0.30 15.61
CA PHE A 206 -24.29 0.80 16.89
C PHE A 206 -24.41 2.32 16.89
N TYR A 207 -25.27 2.85 17.76
CA TYR A 207 -25.47 4.29 17.87
C TYR A 207 -24.55 4.83 18.96
N VAL A 208 -23.58 5.65 18.56
CA VAL A 208 -22.66 6.28 19.51
C VAL A 208 -23.25 7.63 19.89
N VAL A 209 -23.66 7.76 21.15
CA VAL A 209 -24.29 8.97 21.67
C VAL A 209 -23.23 9.77 22.41
N ILE A 210 -23.02 11.02 22.00
CA ILE A 210 -21.98 11.86 22.55
C ILE A 210 -22.52 13.28 22.75
N ARG A 211 -22.09 13.92 23.83
CA ARG A 211 -22.45 15.30 24.11
C ARG A 211 -21.19 16.11 24.38
N ARG A 212 -21.17 17.35 23.90
CA ARG A 212 -19.99 18.19 24.03
C ARG A 212 -19.82 18.65 25.48
N ARG A 213 -18.61 19.07 25.80
CA ARG A 213 -18.29 19.57 27.13
C ARG A 213 -17.14 20.58 27.08
N ARG B 3 29.37 -25.80 -0.63
CA ARG B 3 28.36 -24.79 -0.20
C ARG B 3 28.92 -23.85 0.85
N PRO B 4 28.67 -22.55 0.72
CA PRO B 4 29.12 -21.62 1.76
C PRO B 4 28.37 -21.84 3.06
N ALA B 5 29.02 -21.46 4.16
CA ALA B 5 28.45 -21.73 5.48
C ALA B 5 27.12 -21.02 5.66
N LEU B 6 27.00 -19.78 5.18
CA LEU B 6 25.75 -19.03 5.34
C LEU B 6 24.59 -19.75 4.67
N LEU B 7 24.79 -20.25 3.44
CA LEU B 7 23.72 -20.95 2.74
C LEU B 7 23.33 -22.22 3.47
N ARG B 8 24.32 -22.98 3.95
CA ARG B 8 24.02 -24.21 4.68
C ARG B 8 23.21 -23.90 5.93
N LEU B 9 23.61 -22.88 6.68
CA LEU B 9 22.88 -22.54 7.89
C LEU B 9 21.47 -22.07 7.59
N SER B 10 21.32 -21.22 6.57
CA SER B 10 19.98 -20.73 6.22
C SER B 10 19.07 -21.88 5.81
N ASP B 11 19.58 -22.81 5.01
CA ASP B 11 18.78 -23.97 4.62
C ASP B 11 18.42 -24.81 5.84
N TYR B 12 19.43 -25.16 6.65
CA TYR B 12 19.19 -25.97 7.84
C TYR B 12 18.15 -25.34 8.76
N LEU B 13 18.09 -24.01 8.79
CA LEU B 13 17.13 -23.35 9.68
C LEU B 13 15.75 -23.28 9.06
N LEU B 14 15.64 -22.79 7.83
CA LEU B 14 14.35 -22.44 7.26
C LEU B 14 13.70 -23.56 6.44
N THR B 15 14.40 -24.67 6.21
CA THR B 15 13.79 -25.76 5.46
C THR B 15 12.87 -26.62 6.32
N ASN B 16 12.98 -26.53 7.64
CA ASN B 16 12.15 -27.27 8.57
C ASN B 16 11.55 -26.33 9.60
N TYR B 17 11.03 -25.19 9.13
CA TYR B 17 10.50 -24.16 10.00
C TYR B 17 9.36 -23.45 9.30
N ARG B 18 8.32 -23.11 10.06
CA ARG B 18 7.18 -22.36 9.54
C ARG B 18 6.81 -21.26 10.52
N LYS B 19 6.32 -20.15 9.97
CA LYS B 19 6.16 -18.90 10.71
C LYS B 19 4.82 -18.78 11.42
N GLY B 20 3.86 -19.67 11.17
CA GLY B 20 2.54 -19.51 11.75
C GLY B 20 2.52 -19.68 13.25
N VAL B 21 3.32 -20.60 13.77
CA VAL B 21 3.24 -21.01 15.16
C VAL B 21 4.09 -20.10 16.04
N ARG B 22 3.82 -20.15 17.33
CA ARG B 22 4.69 -19.50 18.31
C ARG B 22 5.92 -20.36 18.53
N PRO B 23 7.14 -19.79 18.43
CA PRO B 23 8.36 -20.62 18.49
C PRO B 23 8.76 -21.04 19.90
N VAL B 24 8.15 -22.12 20.38
CA VAL B 24 8.47 -22.70 21.67
C VAL B 24 8.34 -24.21 21.57
N ARG B 25 9.30 -24.93 22.15
CA ARG B 25 9.23 -26.39 22.16
C ARG B 25 8.03 -26.88 22.94
N ASP B 26 7.74 -26.26 24.09
CA ASP B 26 6.60 -26.60 24.91
C ASP B 26 5.65 -25.42 24.93
N TRP B 27 4.39 -25.66 24.58
CA TRP B 27 3.39 -24.60 24.53
C TRP B 27 3.06 -24.03 25.90
N ARG B 28 3.40 -24.74 26.97
CA ARG B 28 3.03 -24.33 28.33
C ARG B 28 3.85 -23.15 28.84
N LYS B 29 4.93 -22.78 28.15
CA LYS B 29 5.75 -21.66 28.59
C LYS B 29 5.48 -20.43 27.74
N PRO B 30 5.46 -19.24 28.32
CA PRO B 30 5.25 -18.02 27.53
C PRO B 30 6.51 -17.62 26.77
N THR B 31 6.30 -16.78 25.77
CA THR B 31 7.38 -16.26 24.94
C THR B 31 7.70 -14.85 25.44
N THR B 32 8.69 -14.76 26.33
CA THR B 32 9.07 -13.48 26.90
C THR B 32 9.72 -12.60 25.85
N VAL B 33 9.29 -11.35 25.79
CA VAL B 33 9.81 -10.37 24.84
C VAL B 33 10.40 -9.20 25.62
N SER B 34 11.63 -8.83 25.30
CA SER B 34 12.27 -7.67 25.90
C SER B 34 12.31 -6.53 24.88
N ILE B 35 11.88 -5.35 25.30
CA ILE B 35 11.75 -4.21 24.41
C ILE B 35 12.51 -3.02 24.99
N ASP B 36 12.89 -2.11 24.10
CA ASP B 36 13.53 -0.86 24.49
C ASP B 36 13.02 0.25 23.59
N VAL B 37 12.99 1.47 24.14
CA VAL B 37 12.46 2.63 23.43
C VAL B 37 13.46 3.77 23.55
N ILE B 38 13.83 4.37 22.43
CA ILE B 38 14.67 5.56 22.38
C ILE B 38 13.94 6.61 21.55
N VAL B 39 13.78 7.81 22.11
CA VAL B 39 13.06 8.89 21.45
C VAL B 39 14.06 9.68 20.62
N TYR B 40 13.94 9.58 19.29
CA TYR B 40 14.85 10.27 18.40
C TYR B 40 14.45 11.72 18.15
N ALA B 41 13.15 12.01 18.11
CA ALA B 41 12.69 13.37 17.87
C ALA B 41 11.21 13.44 18.17
N ILE B 42 10.73 14.67 18.37
CA ILE B 42 9.30 14.95 18.58
C ILE B 42 8.89 15.89 17.47
N LEU B 43 8.33 15.33 16.40
CA LEU B 43 8.07 16.12 15.20
C LEU B 43 6.99 17.17 15.45
N ASN B 44 5.91 16.79 16.12
CA ASN B 44 4.78 17.69 16.29
C ASN B 44 4.01 17.34 17.56
N VAL B 45 3.48 18.37 18.22
CA VAL B 45 2.59 18.23 19.36
C VAL B 45 1.37 19.09 19.07
N ASP B 46 0.25 18.45 18.78
CA ASP B 46 -0.97 19.14 18.36
C ASP B 46 -1.93 19.22 19.55
N GLU B 47 -2.08 20.40 20.12
CA GLU B 47 -3.06 20.60 21.17
C GLU B 47 -4.48 20.65 20.63
N LYS B 48 -4.65 21.11 19.38
CA LYS B 48 -5.98 21.19 18.80
C LYS B 48 -6.60 19.80 18.66
N ASN B 49 -5.87 18.86 18.07
CA ASN B 49 -6.34 17.50 17.88
C ASN B 49 -5.97 16.59 19.04
N GLN B 50 -5.24 17.10 20.04
CA GLN B 50 -4.86 16.32 21.22
C GLN B 50 -4.04 15.10 20.83
N VAL B 51 -3.14 15.27 19.86
CA VAL B 51 -2.23 14.22 19.42
C VAL B 51 -0.84 14.79 19.27
N LEU B 52 0.17 13.94 19.41
CA LEU B 52 1.55 14.30 19.19
C LEU B 52 2.25 13.19 18.41
N THR B 53 3.25 13.58 17.63
CA THR B 53 4.01 12.66 16.80
C THR B 53 5.41 12.49 17.39
N THR B 54 5.81 11.23 17.56
CA THR B 54 7.13 10.89 18.10
C THR B 54 7.84 9.95 17.15
N TYR B 55 9.07 10.30 16.78
CA TYR B 55 9.93 9.42 15.99
C TYR B 55 10.87 8.73 16.97
N ILE B 56 10.56 7.49 17.29
CA ILE B 56 11.29 6.73 18.31
C ILE B 56 11.95 5.53 17.66
N TRP B 57 13.17 5.21 18.11
CA TRP B 57 13.89 4.04 17.66
C TRP B 57 13.52 2.87 18.56
N TYR B 58 12.85 1.87 18.00
CA TYR B 58 12.30 0.75 18.75
C TYR B 58 13.10 -0.51 18.44
N ARG B 59 13.56 -1.20 19.48
CA ARG B 59 14.25 -2.47 19.32
C ARG B 59 13.69 -3.45 20.34
N GLN B 60 13.64 -4.72 19.94
CA GLN B 60 13.14 -5.78 20.81
C GLN B 60 13.85 -7.07 20.46
N TYR B 61 13.84 -8.00 21.41
CA TYR B 61 14.42 -9.32 21.16
C TYR B 61 13.61 -10.37 21.90
N TRP B 62 13.64 -11.59 21.36
CA TRP B 62 12.97 -12.73 21.95
C TRP B 62 13.72 -13.98 21.54
N THR B 63 13.28 -15.12 22.08
CA THR B 63 13.96 -16.40 21.89
C THR B 63 13.11 -17.28 20.98
N ASP B 64 13.70 -17.74 19.88
CA ASP B 64 13.08 -18.72 19.00
C ASP B 64 13.75 -20.07 19.27
N GLU B 65 13.03 -20.95 19.96
CA GLU B 65 13.61 -22.23 20.38
C GLU B 65 13.84 -23.17 19.21
N PHE B 66 13.31 -22.86 18.03
CA PHE B 66 13.57 -23.64 16.83
C PHE B 66 14.78 -23.13 16.05
N LEU B 67 15.05 -21.83 16.11
CA LEU B 67 16.09 -21.21 15.30
C LEU B 67 17.42 -21.16 16.07
N GLN B 68 17.89 -22.34 16.45
CA GLN B 68 19.13 -22.48 17.19
C GLN B 68 20.01 -23.54 16.53
N TRP B 69 21.32 -23.38 16.67
CA TRP B 69 22.28 -24.26 16.03
C TRP B 69 23.58 -24.22 16.81
N ASN B 70 24.46 -25.19 16.51
CA ASN B 70 25.80 -25.21 17.07
C ASN B 70 26.78 -24.57 16.10
N PRO B 71 27.42 -23.45 16.46
CA PRO B 71 28.28 -22.76 15.48
C PRO B 71 29.34 -23.65 14.86
N GLU B 72 29.95 -24.55 15.64
CA GLU B 72 31.10 -25.31 15.15
C GLU B 72 30.75 -26.17 13.93
N ASP B 73 29.47 -26.47 13.71
CA ASP B 73 29.05 -27.21 12.53
C ASP B 73 28.75 -26.32 11.34
N PHE B 74 28.85 -24.99 11.50
CA PHE B 74 28.56 -24.04 10.44
C PHE B 74 29.64 -22.98 10.38
N ASP B 75 30.90 -23.41 10.42
CA ASP B 75 32.06 -22.52 10.30
C ASP B 75 32.02 -21.43 11.37
N ASN B 76 31.66 -21.82 12.59
CA ASN B 76 31.69 -20.91 13.75
C ASN B 76 30.89 -19.64 13.49
N ILE B 77 29.73 -19.78 12.85
CA ILE B 77 28.83 -18.65 12.65
C ILE B 77 28.03 -18.45 13.92
N THR B 78 28.25 -17.33 14.60
CA THR B 78 27.56 -17.03 15.85
C THR B 78 26.26 -16.26 15.62
N LYS B 79 26.15 -15.50 14.54
CA LYS B 79 24.94 -14.76 14.25
C LYS B 79 24.83 -14.53 12.75
N LEU B 80 23.59 -14.34 12.30
CA LEU B 80 23.32 -14.08 10.88
C LEU B 80 21.99 -13.33 10.77
N SER B 81 21.76 -12.75 9.60
CA SER B 81 20.58 -11.96 9.33
C SER B 81 19.72 -12.63 8.27
N ILE B 82 18.43 -12.69 8.52
CA ILE B 82 17.47 -13.24 7.56
C ILE B 82 16.23 -12.35 7.53
N PRO B 83 15.43 -12.46 6.47
CA PRO B 83 14.25 -11.58 6.36
C PRO B 83 13.31 -11.75 7.55
N THR B 84 12.69 -10.64 7.95
CA THR B 84 11.79 -10.67 9.10
C THR B 84 10.49 -11.40 8.78
N ASP B 85 10.10 -11.45 7.51
CA ASP B 85 8.86 -12.10 7.11
C ASP B 85 8.99 -13.61 7.02
N SER B 86 10.18 -14.15 7.19
CA SER B 86 10.41 -15.59 7.10
C SER B 86 10.34 -16.28 8.46
N ILE B 87 10.04 -15.56 9.54
CA ILE B 87 10.00 -16.12 10.88
C ILE B 87 8.78 -15.56 11.61
N TRP B 88 8.52 -16.11 12.79
CA TRP B 88 7.47 -15.59 13.65
C TRP B 88 7.90 -14.27 14.29
N VAL B 89 7.00 -13.31 14.32
CA VAL B 89 7.26 -12.01 14.92
C VAL B 89 6.10 -11.68 15.86
N PRO B 90 6.37 -11.30 17.12
CA PRO B 90 5.26 -11.03 18.04
C PRO B 90 4.43 -9.84 17.59
N ASP B 91 3.14 -9.90 17.88
CA ASP B 91 2.22 -8.80 17.55
C ASP B 91 2.21 -7.76 18.66
N ILE B 92 3.40 -7.27 19.01
CA ILE B 92 3.55 -6.24 20.04
C ILE B 92 3.22 -4.90 19.39
N LEU B 93 2.02 -4.38 19.68
CA LEU B 93 1.54 -3.16 19.07
C LEU B 93 1.30 -2.10 20.14
N ILE B 94 1.44 -0.84 19.73
CA ILE B 94 1.30 0.30 20.64
C ILE B 94 -0.15 0.77 20.60
N ASN B 95 -0.81 0.75 21.76
CA ASN B 95 -2.15 1.29 21.86
C ASN B 95 -2.09 2.82 21.83
N GLU B 96 -3.27 3.44 21.92
CA GLU B 96 -3.41 4.90 21.88
C GLU B 96 -2.96 5.49 20.55
N PHE B 97 -2.69 4.64 19.56
CA PHE B 97 -2.15 5.11 18.29
C PHE B 97 -3.26 5.67 17.41
N VAL B 98 -2.87 6.56 16.50
CA VAL B 98 -3.79 7.10 15.51
C VAL B 98 -3.29 6.94 14.09
N ASP B 99 -2.00 6.75 13.86
CA ASP B 99 -1.49 6.55 12.51
C ASP B 99 -0.08 5.96 12.61
N VAL B 100 0.14 4.83 11.95
CA VAL B 100 1.44 4.16 11.95
C VAL B 100 1.92 3.80 10.55
N GLY B 101 1.20 4.20 9.51
CA GLY B 101 1.60 3.86 8.15
C GLY B 101 2.92 4.50 7.74
N LYS B 102 3.32 5.58 8.41
CA LYS B 102 4.57 6.26 8.06
C LYS B 102 5.79 5.40 8.37
N SER B 103 5.65 4.38 9.20
CA SER B 103 6.79 3.55 9.59
C SER B 103 7.12 2.55 8.49
N PRO B 104 8.34 2.54 7.96
CA PRO B 104 8.70 1.53 6.97
C PRO B 104 8.96 0.18 7.61
N ASN B 105 8.80 -0.86 6.80
CA ASN B 105 9.00 -2.23 7.28
C ASN B 105 10.45 -2.63 7.07
N ILE B 106 11.16 -2.89 8.16
CA ILE B 106 12.57 -3.30 8.07
C ILE B 106 12.64 -4.73 7.55
N PRO B 107 13.42 -5.03 6.50
CA PRO B 107 13.39 -6.40 5.97
C PRO B 107 14.08 -7.43 6.85
N TYR B 108 15.23 -7.11 7.42
CA TYR B 108 16.07 -8.10 8.08
C TYR B 108 16.04 -7.96 9.59
N VAL B 109 16.33 -9.08 10.26
CA VAL B 109 16.49 -9.13 11.71
C VAL B 109 17.69 -10.01 12.03
N TYR B 110 18.38 -9.70 13.13
CA TYR B 110 19.54 -10.47 13.52
C TYR B 110 19.13 -11.65 14.38
N ILE B 111 19.87 -12.75 14.23
CA ILE B 111 19.61 -13.99 14.96
C ILE B 111 20.94 -14.54 15.46
N ARG B 112 20.93 -15.12 16.66
CA ARG B 112 22.11 -15.71 17.28
C ARG B 112 21.90 -17.20 17.47
N HIS B 113 23.02 -17.92 17.62
CA HIS B 113 22.96 -19.38 17.68
C HIS B 113 22.21 -19.88 18.91
N GLN B 114 22.03 -19.04 19.93
CA GLN B 114 21.25 -19.43 21.09
C GLN B 114 19.75 -19.45 20.82
N GLY B 115 19.32 -18.96 19.66
CA GLY B 115 17.90 -18.82 19.37
C GLY B 115 17.38 -17.41 19.56
N GLU B 116 18.20 -16.51 20.10
CA GLU B 116 17.77 -15.13 20.31
C GLU B 116 17.57 -14.43 18.98
N VAL B 117 16.48 -13.68 18.87
CA VAL B 117 16.16 -12.90 17.68
C VAL B 117 16.13 -11.43 18.07
N GLN B 118 16.86 -10.61 17.33
CA GLN B 118 16.92 -9.18 17.57
C GLN B 118 16.28 -8.44 16.39
N ASN B 119 15.31 -7.58 16.70
CA ASN B 119 14.60 -6.81 15.69
C ASN B 119 14.75 -5.33 16.01
N TYR B 120 15.35 -4.58 15.09
CA TYR B 120 15.48 -3.13 15.20
C TYR B 120 14.61 -2.49 14.13
N LYS B 121 13.70 -1.61 14.54
CA LYS B 121 12.78 -0.98 13.62
C LYS B 121 12.49 0.44 14.07
N PRO B 122 12.21 1.36 13.16
CA PRO B 122 11.76 2.69 13.55
C PRO B 122 10.24 2.76 13.66
N LEU B 123 9.78 3.78 14.39
CA LEU B 123 8.36 4.01 14.60
C LEU B 123 8.06 5.48 14.42
N GLN B 124 7.17 5.79 13.48
CA GLN B 124 6.67 7.16 13.25
C GLN B 124 5.26 7.31 13.81
N VAL B 125 5.01 6.66 14.95
CA VAL B 125 3.66 6.60 15.50
C VAL B 125 3.22 7.99 15.97
N VAL B 126 1.97 8.32 15.69
CA VAL B 126 1.31 9.49 16.26
C VAL B 126 0.25 8.98 17.24
N THR B 127 0.30 9.46 18.47
CA THR B 127 -0.53 8.95 19.55
C THR B 127 -1.48 10.03 20.05
N ALA B 128 -2.64 9.58 20.53
CA ALA B 128 -3.65 10.47 21.08
C ALA B 128 -3.54 10.43 22.61
N CYS B 129 -3.32 11.60 23.21
CA CYS B 129 -3.21 11.69 24.67
C CYS B 129 -3.63 13.09 25.09
N SER B 130 -3.96 13.23 26.37
CA SER B 130 -4.45 14.49 26.89
C SER B 130 -3.32 15.50 26.95
N LEU B 131 -3.51 16.65 26.28
CA LEU B 131 -2.53 17.73 26.26
C LEU B 131 -3.24 19.02 26.64
N ASP B 132 -2.97 19.51 27.86
CA ASP B 132 -3.56 20.75 28.33
C ASP B 132 -2.64 21.93 28.00
N ILE B 133 -3.26 23.06 27.70
CA ILE B 133 -2.54 24.27 27.33
C ILE B 133 -2.70 25.30 28.46
N TYR B 134 -2.91 24.81 29.68
CA TYR B 134 -3.13 25.70 30.81
C TYR B 134 -1.91 26.57 31.08
N ASN B 135 -0.72 25.99 30.99
CA ASN B 135 0.54 26.69 31.27
C ASN B 135 1.33 26.98 30.00
N PHE B 136 0.62 27.35 28.92
CA PHE B 136 1.17 27.48 27.58
C PHE B 136 2.59 28.02 27.55
N PRO B 137 2.86 29.20 28.14
CA PRO B 137 4.21 29.77 28.01
C PRO B 137 5.30 28.87 28.59
N PHE B 138 5.01 28.17 29.69
CA PHE B 138 5.92 27.24 30.32
C PHE B 138 5.28 25.88 30.45
N ASP B 139 4.59 25.43 29.40
CA ASP B 139 3.80 24.21 29.47
C ASP B 139 4.68 22.98 29.60
N VAL B 140 4.21 22.01 30.39
CA VAL B 140 4.84 20.71 30.53
C VAL B 140 3.78 19.65 30.29
N GLN B 141 4.06 18.71 29.40
CA GLN B 141 3.11 17.69 29.00
C GLN B 141 3.57 16.32 29.47
N ASN B 142 2.61 15.40 29.55
CA ASN B 142 2.85 14.04 30.04
C ASN B 142 2.02 13.09 29.17
N CYS B 143 2.65 12.57 28.12
CA CYS B 143 2.01 11.62 27.22
C CYS B 143 2.61 10.24 27.42
N SER B 144 1.84 9.21 27.12
CA SER B 144 2.22 7.84 27.42
C SER B 144 2.18 6.99 26.15
N LEU B 145 3.16 6.09 26.03
CA LEU B 145 3.18 5.06 25.00
C LEU B 145 3.14 3.70 25.69
N THR B 146 2.17 2.88 25.32
CA THR B 146 1.98 1.56 25.91
C THR B 146 2.13 0.50 24.83
N PHE B 147 3.07 -0.41 25.02
CA PHE B 147 3.31 -1.51 24.09
C PHE B 147 2.77 -2.80 24.69
N THR B 148 1.93 -3.50 23.92
CA THR B 148 1.26 -4.69 24.41
C THR B 148 1.18 -5.72 23.30
N SER B 149 1.10 -7.00 23.71
CA SER B 149 0.73 -8.05 22.78
C SER B 149 -0.75 -7.92 22.47
N TRP B 150 -1.06 -7.45 21.26
CA TRP B 150 -2.43 -7.05 20.94
C TRP B 150 -3.40 -8.20 21.18
N LEU B 151 -3.03 -9.41 20.79
CA LEU B 151 -3.90 -10.58 20.91
C LEU B 151 -3.45 -11.55 21.99
N HIS B 152 -2.18 -11.93 21.98
CA HIS B 152 -1.69 -12.96 22.89
C HIS B 152 -1.79 -12.48 24.34
N THR B 153 -2.20 -13.39 25.22
CA THR B 153 -2.29 -13.11 26.64
C THR B 153 -0.91 -13.18 27.28
N ILE B 154 -0.87 -12.94 28.60
CA ILE B 154 0.40 -13.02 29.32
C ILE B 154 0.95 -14.45 29.29
N GLN B 155 0.07 -15.45 29.31
CA GLN B 155 0.50 -16.84 29.29
C GLN B 155 1.16 -17.22 27.96
N ASP B 156 1.00 -16.41 26.92
CA ASP B 156 1.63 -16.66 25.63
C ASP B 156 2.76 -15.69 25.30
N ILE B 157 2.55 -14.39 25.52
CA ILE B 157 3.56 -13.36 25.27
C ILE B 157 3.64 -12.47 26.50
N ASN B 158 4.87 -12.24 26.98
CA ASN B 158 5.11 -11.32 28.08
C ASN B 158 6.17 -10.32 27.66
N ILE B 159 6.09 -9.11 28.21
CA ILE B 159 6.92 -7.98 27.80
C ILE B 159 7.80 -7.57 28.97
N SER B 160 9.08 -7.39 28.69
CA SER B 160 10.05 -6.95 29.70
C SER B 160 10.91 -5.85 29.11
N LEU B 161 11.86 -5.36 29.91
CA LEU B 161 12.74 -4.26 29.51
C LEU B 161 14.11 -4.80 29.13
N TRP B 162 14.62 -4.33 27.99
CA TRP B 162 15.97 -4.71 27.56
C TRP B 162 17.02 -4.15 28.52
N ARG B 163 16.92 -2.86 28.84
CA ARG B 163 17.86 -2.19 29.73
C ARG B 163 17.20 -1.94 31.08
N LEU B 164 18.02 -1.51 32.03
CA LEU B 164 17.50 -1.18 33.35
C LEU B 164 16.60 0.05 33.26
N PRO B 165 15.59 0.16 34.12
CA PRO B 165 14.64 1.27 34.00
C PRO B 165 15.30 2.64 34.12
N GLU B 166 16.30 2.77 34.98
CA GLU B 166 16.93 4.08 35.18
C GLU B 166 17.74 4.51 33.97
N LYS B 167 18.39 3.58 33.29
CA LYS B 167 19.20 3.94 32.12
C LYS B 167 18.32 4.46 30.99
N VAL B 168 17.19 3.80 30.74
CA VAL B 168 16.27 4.27 29.70
C VAL B 168 15.49 5.50 30.15
N LYS B 169 15.34 5.70 31.46
CA LYS B 169 14.59 6.86 31.96
C LYS B 169 15.31 8.17 31.68
N SER B 170 16.65 8.15 31.58
CA SER B 170 17.40 9.37 31.33
C SER B 170 18.21 9.24 30.04
N ASP B 171 17.59 8.72 28.98
CA ASP B 171 18.25 8.47 27.70
C ASP B 171 17.96 9.62 26.77
N ARG B 172 18.95 10.50 26.58
CA ARG B 172 18.89 11.58 25.61
C ARG B 172 20.10 11.54 24.69
N SER B 173 20.59 10.33 24.41
CA SER B 173 21.84 10.18 23.66
C SER B 173 21.67 10.53 22.18
N VAL B 174 20.49 10.28 21.60
CA VAL B 174 20.29 10.45 20.17
C VAL B 174 19.11 11.38 19.91
N PHE B 175 18.62 12.03 20.96
CA PHE B 175 17.50 12.94 20.80
C PHE B 175 17.91 14.18 20.00
N MET B 176 16.99 14.66 19.16
CA MET B 176 17.18 15.88 18.39
C MET B 176 16.85 17.06 19.30
N ASN B 177 17.85 17.52 20.05
CA ASN B 177 17.65 18.54 21.07
C ASN B 177 17.78 19.94 20.47
N GLN B 178 17.00 20.19 19.41
CA GLN B 178 16.95 21.51 18.80
C GLN B 178 15.53 21.90 18.41
N GLY B 179 14.51 21.16 18.84
CA GLY B 179 13.14 21.46 18.52
C GLY B 179 12.47 22.31 19.60
N GLU B 180 11.17 22.56 19.39
CA GLU B 180 10.40 23.35 20.34
C GLU B 180 10.23 22.65 21.68
N TRP B 181 10.38 21.33 21.73
CA TRP B 181 10.15 20.55 22.94
C TRP B 181 11.45 19.91 23.41
N GLU B 182 11.58 19.80 24.73
CA GLU B 182 12.72 19.17 25.38
C GLU B 182 12.26 17.95 26.15
N LEU B 183 12.99 16.85 25.99
CA LEU B 183 12.65 15.59 26.64
C LEU B 183 13.25 15.56 28.03
N LEU B 184 12.40 15.39 29.04
CA LEU B 184 12.86 15.30 30.43
C LEU B 184 13.08 13.87 30.88
N GLY B 185 12.34 12.91 30.34
CA GLY B 185 12.55 11.52 30.69
C GLY B 185 11.54 10.64 29.99
N VAL B 186 11.83 9.34 30.00
CA VAL B 186 10.96 8.32 29.43
C VAL B 186 10.77 7.26 30.52
N LEU B 187 9.70 7.40 31.30
CA LEU B 187 9.48 6.55 32.45
C LEU B 187 8.75 5.28 32.04
N PRO B 188 9.34 4.10 32.21
CA PRO B 188 8.61 2.86 31.91
C PRO B 188 7.72 2.44 33.07
N TYR B 189 6.81 1.51 32.77
CA TYR B 189 5.92 0.98 33.79
C TYR B 189 5.23 -0.28 33.27
N PHE B 190 5.26 -1.35 34.07
CA PHE B 190 4.67 -2.63 33.70
C PHE B 190 3.37 -2.83 34.47
N ARG B 191 2.33 -3.25 33.76
CA ARG B 191 1.03 -3.49 34.36
C ARG B 191 0.34 -4.63 33.63
N GLU B 192 -0.37 -5.46 34.38
CA GLU B 192 -1.16 -6.54 33.80
C GLU B 192 -2.56 -6.03 33.53
N PHE B 193 -2.94 -6.01 32.25
CA PHE B 193 -4.21 -5.45 31.82
C PHE B 193 -5.21 -6.59 31.61
N SER B 194 -6.35 -6.50 32.29
CA SER B 194 -7.37 -7.54 32.22
C SER B 194 -8.75 -6.90 32.31
N MET B 195 -9.62 -7.28 31.38
CA MET B 195 -11.02 -6.88 31.39
C MET B 195 -11.96 -8.06 31.56
N GLU B 196 -11.71 -9.15 30.86
CA GLU B 196 -12.48 -10.37 31.09
C GLU B 196 -12.05 -11.02 32.40
N SER B 197 -12.85 -11.98 32.84
CA SER B 197 -12.61 -12.66 34.12
C SER B 197 -11.47 -13.66 34.07
N SER B 198 -10.94 -13.97 32.88
CA SER B 198 -9.92 -15.00 32.75
C SER B 198 -8.73 -14.61 31.89
N ASN B 199 -8.78 -13.49 31.18
CA ASN B 199 -7.70 -13.09 30.28
C ASN B 199 -6.89 -11.96 30.90
N TYR B 200 -5.57 -12.15 30.96
CA TYR B 200 -4.64 -11.14 31.43
C TYR B 200 -3.63 -10.84 30.33
N TYR B 201 -3.45 -9.56 30.02
CA TYR B 201 -2.52 -9.12 28.99
C TYR B 201 -1.45 -8.24 29.62
N ALA B 202 -0.21 -8.43 29.17
CA ALA B 202 0.93 -7.71 29.69
C ALA B 202 1.25 -6.53 28.77
N GLU B 203 1.40 -5.34 29.37
CA GLU B 203 1.73 -4.14 28.62
C GLU B 203 2.77 -3.35 29.38
N MET B 204 3.53 -2.54 28.64
CA MET B 204 4.59 -1.70 29.20
C MET B 204 4.33 -0.27 28.80
N LYS B 205 4.08 0.59 29.79
CA LYS B 205 3.77 2.00 29.54
C LYS B 205 5.04 2.83 29.62
N PHE B 206 5.27 3.64 28.58
CA PHE B 206 6.39 4.58 28.54
C PHE B 206 5.83 5.99 28.57
N TYR B 207 6.12 6.73 29.65
CA TYR B 207 5.66 8.10 29.81
C TYR B 207 6.74 9.03 29.29
N VAL B 208 6.44 9.75 28.20
CA VAL B 208 7.35 10.73 27.63
C VAL B 208 7.03 12.08 28.26
N VAL B 209 7.95 12.60 29.06
CA VAL B 209 7.78 13.86 29.77
C VAL B 209 8.52 14.94 28.99
N ILE B 210 7.79 15.99 28.61
CA ILE B 210 8.34 17.04 27.76
C ILE B 210 7.84 18.39 28.28
N ARG B 211 8.71 19.40 28.21
CA ARG B 211 8.37 20.77 28.57
C ARG B 211 8.76 21.71 27.45
N ARG B 212 7.92 22.71 27.20
CA ARG B 212 8.14 23.63 26.11
C ARG B 212 9.30 24.57 26.41
N ARG B 213 9.85 25.16 25.35
CA ARG B 213 10.95 26.11 25.49
C ARG B 213 10.94 27.12 24.35
N ARG C 3 18.01 -22.02 -26.70
CA ARG C 3 17.70 -21.01 -25.64
C ARG C 3 18.52 -19.73 -25.85
N PRO C 4 17.87 -18.58 -25.72
CA PRO C 4 18.63 -17.31 -25.81
C PRO C 4 19.58 -17.15 -24.65
N ALA C 5 20.65 -16.39 -24.89
CA ALA C 5 21.70 -16.26 -23.88
C ALA C 5 21.16 -15.64 -22.60
N LEU C 6 20.29 -14.64 -22.71
CA LEU C 6 19.76 -13.98 -21.52
C LEU C 6 19.01 -14.96 -20.64
N LEU C 7 18.17 -15.81 -21.23
CA LEU C 7 17.42 -16.78 -20.45
C LEU C 7 18.36 -17.77 -19.76
N ARG C 8 19.36 -18.26 -20.49
CA ARG C 8 20.31 -19.20 -19.91
C ARG C 8 21.03 -18.57 -18.73
N LEU C 9 21.49 -17.32 -18.89
CA LEU C 9 22.19 -16.66 -17.80
C LEU C 9 21.28 -16.44 -16.60
N SER C 10 20.05 -15.98 -16.85
CA SER C 10 19.13 -15.72 -15.74
C SER C 10 18.84 -17.01 -14.98
N ASP C 11 18.61 -18.12 -15.69
CA ASP C 11 18.39 -19.39 -15.03
C ASP C 11 19.62 -19.81 -14.23
N TYR C 12 20.79 -19.80 -14.87
CA TYR C 12 22.02 -20.21 -14.20
C TYR C 12 22.27 -19.38 -12.95
N LEU C 13 21.83 -18.13 -12.92
CA LEU C 13 22.06 -17.28 -11.75
C LEU C 13 21.02 -17.52 -10.67
N LEU C 14 19.74 -17.47 -11.03
CA LEU C 14 18.68 -17.43 -10.03
C LEU C 14 18.11 -18.79 -9.66
N THR C 15 18.51 -19.87 -10.35
CA THR C 15 18.01 -21.19 -9.99
C THR C 15 18.73 -21.79 -8.78
N ASN C 16 19.91 -21.26 -8.43
CA ASN C 16 20.69 -21.73 -7.30
C ASN C 16 21.07 -20.54 -6.41
N TYR C 17 20.10 -19.66 -6.15
CA TYR C 17 20.35 -18.45 -5.39
C TYR C 17 19.10 -18.09 -4.60
N ARG C 18 19.30 -17.61 -3.38
CA ARG C 18 18.20 -17.17 -2.53
C ARG C 18 18.56 -15.83 -1.90
N LYS C 19 17.55 -15.00 -1.67
CA LYS C 19 17.74 -13.59 -1.31
C LYS C 19 17.86 -13.35 0.18
N GLY C 20 17.60 -14.35 1.02
CA GLY C 20 17.60 -14.11 2.46
C GLY C 20 18.98 -13.78 3.00
N VAL C 21 20.01 -14.42 2.48
CA VAL C 21 21.34 -14.36 3.07
C VAL C 21 22.09 -13.15 2.53
N ARG C 22 23.16 -12.79 3.23
CA ARG C 22 24.10 -11.79 2.74
C ARG C 22 25.01 -12.43 1.69
N PRO C 23 25.15 -11.84 0.49
CA PRO C 23 25.89 -12.51 -0.60
C PRO C 23 27.41 -12.41 -0.46
N VAL C 24 27.98 -13.31 0.34
CA VAL C 24 29.42 -13.42 0.50
C VAL C 24 29.79 -14.89 0.66
N ARG C 25 30.87 -15.30 -0.01
CA ARG C 25 31.33 -16.68 0.12
C ARG C 25 31.77 -16.97 1.55
N ASP C 26 32.47 -16.04 2.18
CA ASP C 26 32.93 -16.17 3.56
C ASP C 26 32.22 -15.12 4.40
N TRP C 27 31.55 -15.57 5.47
CA TRP C 27 30.82 -14.67 6.34
C TRP C 27 31.72 -13.71 7.10
N ARG C 28 33.02 -14.00 7.19
CA ARG C 28 33.94 -13.20 7.99
C ARG C 28 34.28 -11.86 7.35
N LYS C 29 33.92 -11.64 6.07
CA LYS C 29 34.22 -10.39 5.40
C LYS C 29 32.97 -9.52 5.31
N PRO C 30 33.08 -8.22 5.49
CA PRO C 30 31.91 -7.34 5.35
C PRO C 30 31.53 -7.13 3.89
N THR C 31 30.30 -6.67 3.69
CA THR C 31 29.77 -6.37 2.38
C THR C 31 29.86 -4.86 2.18
N THR C 32 30.95 -4.40 1.57
CA THR C 32 31.16 -2.98 1.36
C THR C 32 30.16 -2.44 0.33
N VAL C 33 29.54 -1.32 0.66
CA VAL C 33 28.56 -0.66 -0.21
C VAL C 33 29.05 0.73 -0.52
N SER C 34 29.07 1.08 -1.80
CA SER C 34 29.43 2.41 -2.26
C SER C 34 28.18 3.15 -2.69
N ILE C 35 28.00 4.37 -2.19
CA ILE C 35 26.79 5.15 -2.45
C ILE C 35 27.17 6.52 -3.00
N ASP C 36 26.22 7.12 -3.70
CA ASP C 36 26.36 8.46 -4.23
C ASP C 36 25.03 9.18 -4.12
N VAL C 37 25.08 10.50 -3.94
CA VAL C 37 23.90 11.32 -3.75
C VAL C 37 23.98 12.52 -4.69
N ILE C 38 22.91 12.74 -5.45
CA ILE C 38 22.76 13.91 -6.31
C ILE C 38 21.44 14.57 -5.97
N VAL C 39 21.48 15.87 -5.68
CA VAL C 39 20.29 16.61 -5.28
C VAL C 39 19.64 17.17 -6.54
N TYR C 40 18.46 16.64 -6.87
CA TYR C 40 17.75 17.06 -8.07
C TYR C 40 16.92 18.31 -7.85
N ALA C 41 16.34 18.48 -6.67
CA ALA C 41 15.53 19.65 -6.38
C ALA C 41 15.25 19.70 -4.88
N ILE C 42 14.85 20.88 -4.43
CA ILE C 42 14.47 21.10 -3.03
C ILE C 42 13.03 21.60 -3.06
N LEU C 43 12.08 20.67 -2.90
CA LEU C 43 10.68 21.01 -3.09
C LEU C 43 10.18 21.99 -2.05
N ASN C 44 10.53 21.77 -0.78
CA ASN C 44 9.99 22.59 0.30
C ASN C 44 10.96 22.62 1.47
N VAL C 45 11.01 23.77 2.14
CA VAL C 45 11.76 23.93 3.38
C VAL C 45 10.80 24.56 4.39
N ASP C 46 10.37 23.77 5.38
CA ASP C 46 9.36 24.19 6.33
C ASP C 46 10.05 24.57 7.64
N GLU C 47 10.10 25.87 7.93
CA GLU C 47 10.64 26.33 9.21
C GLU C 47 9.65 26.09 10.34
N LYS C 48 8.35 26.09 10.04
CA LYS C 48 7.34 25.87 11.09
C LYS C 48 7.47 24.48 11.68
N ASN C 49 7.52 23.46 10.83
CA ASN C 49 7.65 22.07 11.27
C ASN C 49 9.10 21.62 11.36
N GLN C 50 10.06 22.48 11.01
CA GLN C 50 11.47 22.16 11.09
C GLN C 50 11.82 20.95 10.24
N VAL C 51 11.21 20.87 9.06
CA VAL C 51 11.49 19.80 8.10
C VAL C 51 11.65 20.41 6.72
N LEU C 52 12.40 19.72 5.87
CA LEU C 52 12.56 20.09 4.47
C LEU C 52 12.48 18.85 3.60
N THR C 53 12.00 19.04 2.37
CA THR C 53 11.85 17.96 1.41
C THR C 53 12.91 18.09 0.32
N THR C 54 13.60 16.99 0.04
CA THR C 54 14.64 16.96 -0.98
C THR C 54 14.37 15.81 -1.93
N TYR C 55 14.35 16.11 -3.23
CA TYR C 55 14.23 15.10 -4.27
C TYR C 55 15.65 14.85 -4.78
N ILE C 56 16.26 13.75 -4.33
CA ILE C 56 17.64 13.42 -4.61
C ILE C 56 17.70 12.13 -5.41
N TRP C 57 18.60 12.07 -6.37
CA TRP C 57 18.85 10.88 -7.15
C TRP C 57 19.91 10.04 -6.45
N TYR C 58 19.51 8.87 -5.96
CA TYR C 58 20.36 8.01 -5.15
C TYR C 58 20.77 6.78 -5.95
N ARG C 59 22.07 6.51 -5.98
CA ARG C 59 22.60 5.32 -6.63
C ARG C 59 23.63 4.68 -5.71
N GLN C 60 23.68 3.35 -5.74
CA GLN C 60 24.62 2.60 -4.92
C GLN C 60 24.99 1.32 -5.65
N TYR C 61 26.14 0.75 -5.28
CA TYR C 61 26.56 -0.52 -5.84
C TYR C 61 27.27 -1.34 -4.78
N TRP C 62 27.21 -2.65 -4.94
CA TRP C 62 27.90 -3.59 -4.06
C TRP C 62 28.21 -4.86 -4.84
N THR C 63 28.91 -5.78 -4.20
CA THR C 63 29.39 -6.99 -4.85
C THR C 63 28.60 -8.19 -4.32
N ASP C 64 27.98 -8.93 -5.24
CA ASP C 64 27.32 -10.19 -4.92
C ASP C 64 28.23 -11.31 -5.39
N GLU C 65 28.90 -11.98 -4.44
CA GLU C 65 29.88 -13.00 -4.79
C GLU C 65 29.24 -14.26 -5.36
N PHE C 66 27.92 -14.38 -5.29
CA PHE C 66 27.22 -15.50 -5.92
C PHE C 66 26.78 -15.18 -7.34
N LEU C 67 26.49 -13.91 -7.63
CA LEU C 67 25.92 -13.50 -8.91
C LEU C 67 27.04 -13.10 -9.90
N GLN C 68 27.93 -14.06 -10.15
CA GLN C 68 29.05 -13.85 -11.05
C GLN C 68 29.13 -15.01 -12.04
N TRP C 69 29.64 -14.70 -13.23
CA TRP C 69 29.71 -15.67 -14.32
C TRP C 69 30.82 -15.28 -15.27
N ASN C 70 31.19 -16.22 -16.16
CA ASN C 70 32.15 -15.95 -17.21
C ASN C 70 31.41 -15.59 -18.50
N PRO C 71 31.58 -14.37 -19.03
CA PRO C 71 30.78 -13.98 -20.20
C PRO C 71 30.90 -14.94 -21.37
N GLU C 72 32.08 -15.48 -21.64
CA GLU C 72 32.30 -16.27 -22.84
C GLU C 72 31.40 -17.50 -22.90
N ASP C 73 30.87 -17.96 -21.77
CA ASP C 73 29.94 -19.08 -21.75
C ASP C 73 28.48 -18.64 -21.92
N PHE C 74 28.23 -17.34 -22.02
CA PHE C 74 26.87 -16.80 -22.15
C PHE C 74 26.83 -15.74 -23.24
N ASP C 75 27.45 -16.04 -24.39
CA ASP C 75 27.44 -15.16 -25.55
C ASP C 75 28.01 -13.78 -25.19
N ASN C 76 29.08 -13.77 -24.41
CA ASN C 76 29.80 -12.54 -24.08
C ASN C 76 28.89 -11.49 -23.47
N ILE C 77 27.97 -11.92 -22.60
CA ILE C 77 27.10 -10.99 -21.88
C ILE C 77 27.90 -10.45 -20.70
N THR C 78 28.18 -9.15 -20.72
CA THR C 78 28.94 -8.51 -19.65
C THR C 78 28.06 -7.97 -18.55
N LYS C 79 26.81 -7.61 -18.86
CA LYS C 79 25.89 -7.10 -17.85
C LYS C 79 24.46 -7.39 -18.27
N LEU C 80 23.57 -7.45 -17.29
CA LEU C 80 22.15 -7.69 -17.54
C LEU C 80 21.36 -7.12 -16.38
N SER C 81 20.05 -6.98 -16.59
CA SER C 81 19.15 -6.40 -15.61
C SER C 81 18.15 -7.45 -15.15
N ILE C 82 17.93 -7.52 -13.83
CA ILE C 82 16.95 -8.43 -13.26
C ILE C 82 16.21 -7.70 -12.14
N PRO C 83 15.04 -8.20 -11.76
CA PRO C 83 14.24 -7.50 -10.74
C PRO C 83 15.02 -7.35 -9.43
N THR C 84 14.79 -6.22 -8.76
CA THR C 84 15.50 -5.94 -7.52
C THR C 84 15.02 -6.83 -6.38
N ASP C 85 13.78 -7.31 -6.46
CA ASP C 85 13.23 -8.16 -5.40
C ASP C 85 13.69 -9.60 -5.48
N SER C 86 14.43 -9.97 -6.52
CA SER C 86 14.92 -11.34 -6.70
C SER C 86 16.32 -11.55 -6.14
N ILE C 87 16.91 -10.53 -5.51
CA ILE C 87 18.26 -10.62 -4.98
C ILE C 87 18.31 -9.95 -3.61
N TRP C 88 19.44 -10.11 -2.93
CA TRP C 88 19.66 -9.41 -1.67
C TRP C 88 19.93 -7.94 -1.92
N VAL C 89 19.32 -7.09 -1.09
CA VAL C 89 19.50 -5.64 -1.18
C VAL C 89 19.84 -5.11 0.20
N PRO C 90 20.90 -4.33 0.37
CA PRO C 90 21.24 -3.86 1.72
C PRO C 90 20.16 -2.95 2.29
N ASP C 91 20.01 -3.00 3.61
CA ASP C 91 19.04 -2.15 4.31
C ASP C 91 19.66 -0.80 4.65
N ILE C 92 20.21 -0.14 3.64
CA ILE C 92 20.83 1.18 3.82
C ILE C 92 19.69 2.20 3.84
N LEU C 93 19.37 2.70 5.03
CA LEU C 93 18.26 3.61 5.22
C LEU C 93 18.76 4.94 5.76
N ILE C 94 18.03 6.00 5.44
CA ILE C 94 18.41 7.36 5.84
C ILE C 94 17.72 7.69 7.16
N ASN C 95 18.52 7.98 8.18
CA ASN C 95 17.96 8.42 9.45
C ASN C 95 17.45 9.86 9.32
N GLU C 96 16.93 10.39 10.42
CA GLU C 96 16.36 11.74 10.48
C GLU C 96 15.14 11.89 9.56
N PHE C 97 14.65 10.79 9.00
CA PHE C 97 13.56 10.86 8.04
C PHE C 97 12.22 11.00 8.74
N VAL C 98 11.26 11.59 8.02
CA VAL C 98 9.90 11.70 8.52
C VAL C 98 8.87 11.12 7.56
N ASP C 99 9.17 10.96 6.28
CA ASP C 99 8.22 10.37 5.33
C ASP C 99 8.99 9.96 4.09
N VAL C 100 8.87 8.70 3.69
CA VAL C 100 9.53 8.16 2.51
C VAL C 100 8.59 7.41 1.59
N GLY C 101 7.29 7.38 1.88
CA GLY C 101 6.36 6.66 1.04
C GLY C 101 6.23 7.22 -0.36
N LYS C 102 6.59 8.49 -0.55
CA LYS C 102 6.49 9.11 -1.86
C LYS C 102 7.46 8.51 -2.87
N SER C 103 8.49 7.80 -2.40
CA SER C 103 9.50 7.24 -3.29
C SER C 103 8.98 5.96 -3.94
N PRO C 104 8.93 5.88 -5.27
CA PRO C 104 8.51 4.63 -5.91
C PRO C 104 9.62 3.58 -5.87
N ASN C 105 9.21 2.32 -5.94
CA ASN C 105 10.14 1.20 -5.91
C ASN C 105 10.59 0.87 -7.33
N ILE C 106 11.88 1.03 -7.60
CA ILE C 106 12.40 0.73 -8.93
C ILE C 106 12.46 -0.79 -9.11
N PRO C 107 11.91 -1.35 -10.20
CA PRO C 107 11.88 -2.81 -10.30
C PRO C 107 13.24 -3.44 -10.58
N TYR C 108 14.02 -2.87 -11.48
CA TYR C 108 15.22 -3.53 -11.99
C TYR C 108 16.49 -2.90 -11.44
N VAL C 109 17.55 -3.71 -11.45
CA VAL C 109 18.90 -3.27 -11.07
C VAL C 109 19.88 -3.91 -12.06
N TYR C 110 20.97 -3.20 -12.33
CA TYR C 110 21.98 -3.71 -13.24
C TYR C 110 22.99 -4.57 -12.51
N ILE C 111 23.48 -5.60 -13.20
CA ILE C 111 24.44 -6.55 -12.66
C ILE C 111 25.51 -6.80 -13.70
N ARG C 112 26.75 -6.97 -13.25
CA ARG C 112 27.90 -7.22 -14.10
C ARG C 112 28.50 -8.57 -13.78
N HIS C 113 29.24 -9.13 -14.74
CA HIS C 113 29.76 -10.48 -14.61
C HIS C 113 30.75 -10.62 -13.45
N GLN C 114 31.31 -9.50 -12.97
CA GLN C 114 32.20 -9.55 -11.81
C GLN C 114 31.45 -9.77 -10.51
N GLY C 115 30.12 -9.72 -10.52
CA GLY C 115 29.33 -9.78 -9.30
C GLY C 115 28.85 -8.44 -8.81
N GLU C 116 29.30 -7.35 -9.43
CA GLU C 116 28.89 -6.02 -9.02
C GLU C 116 27.41 -5.82 -9.32
N VAL C 117 26.69 -5.22 -8.37
CA VAL C 117 25.28 -4.90 -8.52
C VAL C 117 25.12 -3.40 -8.43
N GLN C 118 24.45 -2.80 -9.41
CA GLN C 118 24.20 -1.36 -9.44
C GLN C 118 22.71 -1.11 -9.28
N ASN C 119 22.36 -0.28 -8.31
CA ASN C 119 20.96 0.06 -8.03
C ASN C 119 20.81 1.58 -8.12
N TYR C 120 19.96 2.03 -9.03
CA TYR C 120 19.62 3.44 -9.18
C TYR C 120 18.17 3.63 -8.77
N LYS C 121 17.93 4.52 -7.81
CA LYS C 121 16.59 4.74 -7.29
C LYS C 121 16.43 6.21 -6.93
N PRO C 122 15.21 6.74 -7.03
CA PRO C 122 14.95 8.10 -6.53
C PRO C 122 14.51 8.08 -5.07
N LEU C 123 14.66 9.25 -4.43
CA LEU C 123 14.28 9.42 -3.04
C LEU C 123 13.53 10.73 -2.89
N GLN C 124 12.29 10.66 -2.39
CA GLN C 124 11.48 11.82 -2.07
C GLN C 124 11.43 12.05 -0.56
N VAL C 125 12.56 11.78 0.11
CA VAL C 125 12.60 11.80 1.56
C VAL C 125 12.41 13.22 2.07
N VAL C 126 11.61 13.35 3.14
CA VAL C 126 11.50 14.58 3.90
C VAL C 126 12.17 14.34 5.25
N THR C 127 13.11 15.21 5.61
CA THR C 127 13.94 15.01 6.78
C THR C 127 13.69 16.12 7.81
N ALA C 128 13.87 15.77 9.07
CA ALA C 128 13.73 16.71 10.18
C ALA C 128 15.11 17.17 10.60
N CYS C 129 15.33 18.49 10.55
CA CYS C 129 16.60 19.06 10.96
C CYS C 129 16.37 20.48 11.43
N SER C 130 17.34 21.01 12.18
CA SER C 130 17.21 22.33 12.76
C SER C 130 17.30 23.39 11.68
N LEU C 131 16.28 24.23 11.58
CA LEU C 131 16.23 25.32 10.60
C LEU C 131 15.90 26.61 11.34
N ASP C 132 16.89 27.48 11.49
CA ASP C 132 16.70 28.76 12.15
C ASP C 132 16.33 29.83 11.14
N ILE C 133 15.47 30.76 11.56
CA ILE C 133 15.00 31.83 10.70
C ILE C 133 15.58 33.15 11.20
N TYR C 134 16.75 33.07 11.83
CA TYR C 134 17.38 34.27 12.40
C TYR C 134 17.73 35.27 11.31
N ASN C 135 18.27 34.80 10.18
CA ASN C 135 18.71 35.64 9.08
C ASN C 135 17.76 35.54 7.88
N PHE C 136 16.45 35.50 8.15
CA PHE C 136 15.42 35.23 7.17
C PHE C 136 15.70 35.84 5.81
N PRO C 137 15.91 37.15 5.70
CA PRO C 137 16.08 37.75 4.36
C PRO C 137 17.26 37.18 3.59
N PHE C 138 18.35 36.86 4.28
CA PHE C 138 19.53 36.26 3.67
C PHE C 138 19.88 34.96 4.39
N ASP C 139 18.87 34.14 4.68
CA ASP C 139 19.07 32.96 5.51
C ASP C 139 19.90 31.92 4.78
N VAL C 140 20.75 31.23 5.54
CA VAL C 140 21.52 30.09 5.05
C VAL C 140 21.30 28.94 6.01
N GLN C 141 20.93 27.77 5.48
CA GLN C 141 20.58 26.62 6.28
C GLN C 141 21.61 25.51 6.07
N ASN C 142 21.66 24.59 7.05
CA ASN C 142 22.62 23.50 7.05
C ASN C 142 21.89 22.25 7.56
N CYS C 143 21.35 21.46 6.64
CA CYS C 143 20.66 20.23 6.96
C CYS C 143 21.50 19.05 6.52
N SER C 144 21.31 17.91 7.19
CA SER C 144 22.17 16.74 7.00
C SER C 144 21.33 15.53 6.64
N LEU C 145 21.85 14.72 5.71
CA LEU C 145 21.29 13.42 5.39
C LEU C 145 22.34 12.36 5.72
N THR C 146 21.95 11.39 6.54
CA THR C 146 22.86 10.32 6.98
C THR C 146 22.31 8.99 6.50
N PHE C 147 23.10 8.26 5.73
CA PHE C 147 22.73 6.95 5.23
C PHE C 147 23.49 5.88 6.02
N THR C 148 22.77 4.90 6.56
CA THR C 148 23.36 3.89 7.41
C THR C 148 22.71 2.55 7.15
N SER C 149 23.46 1.48 7.41
CA SER C 149 22.87 0.15 7.48
C SER C 149 22.05 0.07 8.76
N TRP C 150 20.72 0.07 8.61
CA TRP C 150 19.85 0.24 9.76
C TRP C 150 20.10 -0.83 10.82
N LEU C 151 20.28 -2.07 10.38
CA LEU C 151 20.47 -3.19 11.29
C LEU C 151 21.90 -3.72 11.28
N HIS C 152 22.46 -3.99 10.10
CA HIS C 152 23.77 -4.62 10.02
C HIS C 152 24.85 -3.70 10.58
N THR C 153 25.79 -4.31 11.31
CA THR C 153 26.91 -3.58 11.89
C THR C 153 27.97 -3.34 10.82
N ILE C 154 29.07 -2.68 11.22
CA ILE C 154 30.16 -2.43 10.29
C ILE C 154 30.79 -3.73 9.83
N GLN C 155 30.84 -4.74 10.71
CA GLN C 155 31.42 -6.02 10.35
C GLN C 155 30.62 -6.76 9.30
N ASP C 156 29.38 -6.34 9.04
CA ASP C 156 28.54 -6.96 8.02
C ASP C 156 28.33 -6.06 6.81
N ILE C 157 28.01 -4.79 7.02
CA ILE C 157 27.80 -3.83 5.94
C ILE C 157 28.61 -2.58 6.25
N ASN C 158 29.37 -2.10 5.26
CA ASN C 158 30.12 -0.86 5.37
C ASN C 158 29.77 0.03 4.19
N ILE C 159 29.83 1.34 4.41
CA ILE C 159 29.37 2.33 3.44
C ILE C 159 30.57 3.17 3.00
N SER C 160 30.71 3.35 1.69
CA SER C 160 31.78 4.15 1.12
C SER C 160 31.19 5.08 0.05
N LEU C 161 32.05 5.87 -0.57
CA LEU C 161 31.64 6.84 -1.58
C LEU C 161 31.95 6.31 -2.98
N TRP C 162 30.96 6.42 -3.88
CA TRP C 162 31.18 6.04 -5.26
C TRP C 162 32.19 6.95 -5.93
N ARG C 163 32.01 8.26 -5.80
CA ARG C 163 32.89 9.25 -6.39
C ARG C 163 33.76 9.88 -5.32
N LEU C 164 34.74 10.66 -5.77
CA LEU C 164 35.61 11.36 -4.84
C LEU C 164 34.81 12.43 -4.09
N PRO C 165 35.19 12.72 -2.84
CA PRO C 165 34.39 13.67 -2.05
C PRO C 165 34.26 15.04 -2.68
N GLU C 166 35.33 15.52 -3.34
CA GLU C 166 35.27 16.87 -3.91
C GLU C 166 34.34 16.95 -5.11
N LYS C 167 34.27 15.89 -5.92
CA LYS C 167 33.41 15.92 -7.09
C LYS C 167 31.94 15.96 -6.69
N VAL C 168 31.56 15.18 -5.68
CA VAL C 168 30.17 15.21 -5.21
C VAL C 168 29.89 16.46 -4.38
N LYS C 169 30.92 17.06 -3.77
CA LYS C 169 30.72 18.25 -2.96
C LYS C 169 30.28 19.45 -3.79
N SER C 170 30.65 19.51 -5.07
CA SER C 170 30.29 20.63 -5.93
C SER C 170 29.47 20.15 -7.13
N ASP C 171 28.51 19.26 -6.88
CA ASP C 171 27.70 18.67 -7.94
C ASP C 171 26.40 19.43 -8.05
N ARG C 172 26.28 20.27 -9.07
CA ARG C 172 25.05 20.97 -9.41
C ARG C 172 24.65 20.71 -10.86
N SER C 173 24.99 19.52 -11.37
CA SER C 173 24.79 19.23 -12.78
C SER C 173 23.33 19.06 -13.16
N VAL C 174 22.51 18.55 -12.25
CA VAL C 174 21.12 18.22 -12.56
C VAL C 174 20.18 18.92 -11.59
N PHE C 175 20.71 19.85 -10.80
CA PHE C 175 19.88 20.57 -9.83
C PHE C 175 18.91 21.49 -10.55
N MET C 176 17.70 21.61 -10.00
CA MET C 176 16.68 22.53 -10.51
C MET C 176 16.98 23.90 -9.93
N ASN C 177 17.82 24.66 -10.63
CA ASN C 177 18.32 25.94 -10.13
C ASN C 177 17.37 27.08 -10.54
N GLN C 178 16.09 26.89 -10.18
CA GLN C 178 15.10 27.94 -10.39
C GLN C 178 14.13 28.06 -9.22
N GLY C 179 14.41 27.43 -8.09
CA GLY C 179 13.55 27.52 -6.92
C GLY C 179 13.98 28.61 -5.96
N GLU C 180 13.28 28.67 -4.83
CA GLU C 180 13.58 29.68 -3.82
C GLU C 180 14.94 29.45 -3.15
N TRP C 181 15.48 28.22 -3.23
CA TRP C 181 16.71 27.87 -2.55
C TRP C 181 17.79 27.52 -3.58
N GLU C 182 19.03 27.86 -3.23
CA GLU C 182 20.20 27.57 -4.05
C GLU C 182 21.12 26.63 -3.29
N LEU C 183 21.60 25.59 -3.99
CA LEU C 183 22.47 24.59 -3.38
C LEU C 183 23.92 25.06 -3.46
N LEU C 184 24.57 25.18 -2.30
CA LEU C 184 25.97 25.57 -2.25
C LEU C 184 26.91 24.39 -2.24
N GLY C 185 26.51 23.25 -1.69
CA GLY C 185 27.36 22.08 -1.70
C GLY C 185 26.68 20.94 -0.96
N VAL C 186 27.23 19.75 -1.17
CA VAL C 186 26.76 18.52 -0.51
C VAL C 186 28.01 17.88 0.10
N LEU C 187 28.28 18.18 1.37
CA LEU C 187 29.51 17.73 2.01
C LEU C 187 29.32 16.35 2.61
N PRO C 188 30.05 15.33 2.16
CA PRO C 188 29.96 14.01 2.79
C PRO C 188 30.82 13.94 4.05
N TYR C 189 30.55 12.89 4.84
CA TYR C 189 31.30 12.64 6.06
C TYR C 189 31.05 11.24 6.57
N PHE C 190 32.11 10.50 6.88
CA PHE C 190 32.01 9.13 7.36
C PHE C 190 32.31 9.08 8.84
N ARG C 191 31.46 8.39 9.60
CA ARG C 191 31.63 8.26 11.04
C ARG C 191 31.13 6.89 11.47
N GLU C 192 31.83 6.29 12.44
CA GLU C 192 31.40 5.02 13.01
C GLU C 192 30.51 5.30 14.22
N PHE C 193 29.25 4.88 14.13
CA PHE C 193 28.26 5.17 15.15
C PHE C 193 28.11 3.96 16.06
N SER C 194 28.28 4.17 17.36
CA SER C 194 28.22 3.09 18.33
C SER C 194 27.61 3.62 19.63
N MET C 195 26.62 2.88 20.14
CA MET C 195 26.02 3.17 21.44
C MET C 195 26.24 2.05 22.42
N GLU C 196 26.07 0.79 22.00
CA GLU C 196 26.42 -0.34 22.85
C GLU C 196 27.93 -0.49 22.93
N SER C 197 28.37 -1.32 23.88
CA SER C 197 29.79 -1.51 24.13
C SER C 197 30.47 -2.38 23.09
N SER C 198 29.72 -3.02 22.19
CA SER C 198 30.30 -3.96 21.24
C SER C 198 29.82 -3.77 19.80
N ASN C 199 28.80 -2.96 19.56
CA ASN C 199 28.25 -2.79 18.21
C ASN C 199 28.69 -1.47 17.62
N TYR C 200 29.26 -1.52 16.42
CA TYR C 200 29.66 -0.34 15.66
C TYR C 200 28.94 -0.35 14.33
N TYR C 201 28.31 0.78 13.99
CA TYR C 201 27.58 0.92 12.74
C TYR C 201 28.19 2.04 11.91
N ALA C 202 28.29 1.80 10.61
CA ALA C 202 28.90 2.76 9.68
C ALA C 202 27.81 3.58 9.02
N GLU C 203 27.98 4.90 9.04
CA GLU C 203 27.05 5.82 8.41
C GLU C 203 27.81 6.89 7.66
N MET C 204 27.14 7.47 6.66
CA MET C 204 27.72 8.52 5.83
C MET C 204 26.81 9.72 5.87
N LYS C 205 27.29 10.83 6.40
CA LYS C 205 26.50 12.06 6.55
C LYS C 205 26.73 12.97 5.35
N PHE C 206 25.64 13.41 4.74
CA PHE C 206 25.67 14.37 3.63
C PHE C 206 25.03 15.66 4.11
N TYR C 207 25.83 16.73 4.18
CA TYR C 207 25.36 18.04 4.60
C TYR C 207 24.96 18.83 3.36
N VAL C 208 23.67 19.13 3.24
CA VAL C 208 23.15 19.93 2.14
C VAL C 208 23.14 21.38 2.60
N VAL C 209 23.99 22.20 1.99
CA VAL C 209 24.13 23.62 2.35
C VAL C 209 23.35 24.44 1.34
N ILE C 210 22.41 25.24 1.83
CA ILE C 210 21.50 26.01 0.98
C ILE C 210 21.33 27.40 1.56
N ARG C 211 21.24 28.40 0.68
CA ARG C 211 20.98 29.77 1.07
C ARG C 211 19.82 30.32 0.27
N ARG C 212 18.98 31.12 0.93
CA ARG C 212 17.79 31.65 0.30
C ARG C 212 18.15 32.72 -0.72
N ARG C 213 17.21 32.98 -1.63
CA ARG C 213 17.39 33.99 -2.66
C ARG C 213 16.05 34.58 -3.09
N ARG D 3 -9.89 -28.26 -25.00
CA ARG D 3 -9.41 -26.99 -24.39
C ARG D 3 -9.75 -25.80 -25.29
N PRO D 4 -10.26 -24.71 -24.70
CA PRO D 4 -10.51 -23.51 -25.49
C PRO D 4 -9.22 -22.89 -26.00
N ALA D 5 -9.33 -22.17 -27.13
CA ALA D 5 -8.15 -21.63 -27.77
C ALA D 5 -7.40 -20.66 -26.86
N LEU D 6 -8.15 -19.82 -26.12
CA LEU D 6 -7.50 -18.85 -25.25
C LEU D 6 -6.64 -19.53 -24.19
N LEU D 7 -7.16 -20.59 -23.57
CA LEU D 7 -6.38 -21.30 -22.56
C LEU D 7 -5.14 -21.92 -23.15
N ARG D 8 -5.27 -22.55 -24.32
CA ARG D 8 -4.12 -23.17 -24.97
C ARG D 8 -3.05 -22.12 -25.27
N LEU D 9 -3.46 -20.97 -25.81
CA LEU D 9 -2.50 -19.92 -26.13
C LEU D 9 -1.83 -19.39 -24.88
N SER D 10 -2.62 -19.13 -23.83
CA SER D 10 -2.04 -18.59 -22.60
C SER D 10 -1.03 -19.57 -22.00
N ASP D 11 -1.36 -20.87 -21.98
CA ASP D 11 -0.41 -21.85 -21.49
C ASP D 11 0.84 -21.89 -22.35
N TYR D 12 0.67 -22.00 -23.67
CA TYR D 12 1.80 -22.07 -24.58
C TYR D 12 2.72 -20.85 -24.42
N LEU D 13 2.15 -19.70 -24.07
CA LEU D 13 2.98 -18.50 -23.92
C LEU D 13 3.66 -18.43 -22.56
N LEU D 14 2.89 -18.60 -21.47
CA LEU D 14 3.39 -18.31 -20.14
C LEU D 14 4.00 -19.51 -19.42
N THR D 15 3.90 -20.72 -19.98
CA THR D 15 4.49 -21.88 -19.33
C THR D 15 6.00 -21.98 -19.57
N ASN D 16 6.52 -21.28 -20.57
CA ASN D 16 7.94 -21.28 -20.90
C ASN D 16 8.43 -19.84 -21.00
N TYR D 17 8.04 -19.00 -20.05
CA TYR D 17 8.38 -17.59 -20.08
C TYR D 17 8.53 -17.08 -18.65
N ARG D 18 9.51 -16.20 -18.44
CA ARG D 18 9.73 -15.58 -17.15
C ARG D 18 9.96 -14.09 -17.33
N LYS D 19 9.53 -13.31 -16.34
CA LYS D 19 9.42 -11.86 -16.46
C LYS D 19 10.70 -11.11 -16.07
N GLY D 20 11.69 -11.79 -15.49
CA GLY D 20 12.87 -11.09 -15.02
C GLY D 20 13.71 -10.49 -16.14
N VAL D 21 13.81 -11.19 -17.26
CA VAL D 21 14.74 -10.84 -18.32
C VAL D 21 14.12 -9.82 -19.26
N ARG D 22 14.97 -9.17 -20.04
CA ARG D 22 14.51 -8.32 -21.13
C ARG D 22 14.11 -9.20 -22.31
N PRO D 23 12.91 -9.04 -22.87
CA PRO D 23 12.44 -9.98 -23.92
C PRO D 23 13.04 -9.73 -25.30
N VAL D 24 14.23 -10.26 -25.52
CA VAL D 24 14.90 -10.20 -26.82
C VAL D 24 15.65 -11.50 -27.03
N ARG D 25 15.57 -12.03 -28.26
CA ARG D 25 16.32 -13.25 -28.58
C ARG D 25 17.82 -13.00 -28.49
N ASP D 26 18.29 -11.86 -28.99
CA ASP D 26 19.70 -11.49 -28.93
C ASP D 26 19.85 -10.28 -28.03
N TRP D 27 20.71 -10.39 -27.02
CA TRP D 27 20.92 -9.31 -26.07
C TRP D 27 21.56 -8.08 -26.71
N ARG D 28 22.17 -8.23 -27.88
CA ARG D 28 22.90 -7.14 -28.50
C ARG D 28 22.01 -6.07 -29.10
N LYS D 29 20.69 -6.33 -29.21
CA LYS D 29 19.78 -5.34 -29.78
C LYS D 29 18.98 -4.66 -28.68
N PRO D 30 18.73 -3.36 -28.78
CA PRO D 30 17.92 -2.68 -27.77
C PRO D 30 16.43 -2.99 -27.92
N THR D 31 15.70 -2.73 -26.85
CA THR D 31 14.25 -2.92 -26.83
C THR D 31 13.60 -1.56 -27.05
N THR D 32 13.27 -1.26 -28.29
CA THR D 32 12.67 0.02 -28.64
C THR D 32 11.26 0.11 -28.07
N VAL D 33 10.95 1.23 -27.43
CA VAL D 33 9.64 1.48 -26.83
C VAL D 33 9.05 2.72 -27.47
N SER D 34 7.81 2.61 -27.94
CA SER D 34 7.08 3.74 -28.50
C SER D 34 6.02 4.19 -27.50
N ILE D 35 5.98 5.50 -27.23
CA ILE D 35 5.10 6.05 -26.21
C ILE D 35 4.28 7.17 -26.82
N ASP D 36 3.12 7.43 -26.19
CA ASP D 36 2.25 8.54 -26.57
C ASP D 36 1.66 9.14 -25.31
N VAL D 37 1.38 10.44 -25.37
CA VAL D 37 0.87 11.19 -24.23
C VAL D 37 -0.33 12.00 -24.68
N ILE D 38 -1.44 11.87 -23.94
CA ILE D 38 -2.63 12.67 -24.15
C ILE D 38 -3.01 13.31 -22.82
N VAL D 39 -3.19 14.63 -22.82
CA VAL D 39 -3.48 15.38 -21.60
C VAL D 39 -5.00 15.42 -21.45
N TYR D 40 -5.51 14.71 -20.44
CA TYR D 40 -6.94 14.65 -20.20
C TYR D 40 -7.46 15.84 -19.40
N ALA D 41 -6.66 16.36 -18.46
CA ALA D 41 -7.09 17.49 -17.65
C ALA D 41 -5.89 18.02 -16.89
N ILE D 42 -6.02 19.25 -16.40
CA ILE D 42 -4.99 19.89 -15.58
C ILE D 42 -5.68 20.24 -14.26
N LEU D 43 -5.54 19.36 -13.28
CA LEU D 43 -6.30 19.50 -12.04
C LEU D 43 -5.88 20.73 -11.26
N ASN D 44 -4.58 20.98 -11.14
CA ASN D 44 -4.09 22.08 -10.31
C ASN D 44 -2.75 22.56 -10.82
N VAL D 45 -2.53 23.86 -10.69
CA VAL D 45 -1.25 24.50 -10.97
C VAL D 45 -0.90 25.35 -9.76
N ASP D 46 0.08 24.90 -8.99
CA ASP D 46 0.45 25.55 -7.72
C ASP D 46 1.70 26.39 -7.95
N GLU D 47 1.52 27.72 -7.95
CA GLU D 47 2.67 28.62 -8.04
C GLU D 47 3.42 28.69 -6.71
N LYS D 48 2.72 28.51 -5.60
CA LYS D 48 3.36 28.57 -4.29
C LYS D 48 4.41 27.47 -4.14
N ASN D 49 4.02 26.23 -4.43
CA ASN D 49 4.93 25.09 -4.34
C ASN D 49 5.65 24.81 -5.65
N GLN D 50 5.37 25.57 -6.70
CA GLN D 50 6.03 25.41 -7.99
C GLN D 50 5.81 24.00 -8.55
N VAL D 51 4.59 23.48 -8.38
CA VAL D 51 4.21 22.18 -8.92
C VAL D 51 2.84 22.30 -9.57
N LEU D 52 2.58 21.43 -10.54
CA LEU D 52 1.29 21.32 -11.18
C LEU D 52 0.92 19.86 -11.35
N THR D 53 -0.38 19.58 -11.32
CA THR D 53 -0.92 18.23 -11.46
C THR D 53 -1.56 18.07 -12.82
N THR D 54 -1.19 17.01 -13.53
CA THR D 54 -1.73 16.71 -14.84
C THR D 54 -2.27 15.29 -14.87
N TYR D 55 -3.51 15.13 -15.30
CA TYR D 55 -4.12 13.83 -15.50
C TYR D 55 -4.01 13.53 -17.00
N ILE D 56 -3.03 12.69 -17.36
CA ILE D 56 -2.71 12.40 -18.75
C ILE D 56 -2.95 10.92 -19.00
N TRP D 57 -3.47 10.61 -20.20
CA TRP D 57 -3.66 9.24 -20.63
C TRP D 57 -2.40 8.78 -21.35
N TYR D 58 -1.72 7.81 -20.75
CA TYR D 58 -0.42 7.35 -21.24
C TYR D 58 -0.56 5.95 -21.83
N ARG D 59 -0.06 5.79 -23.06
CA ARG D 59 -0.04 4.49 -23.72
C ARG D 59 1.32 4.28 -24.34
N GLN D 60 1.76 3.02 -24.34
CA GLN D 60 3.06 2.66 -24.91
C GLN D 60 2.98 1.24 -25.45
N TYR D 61 3.88 0.92 -26.37
CA TYR D 61 3.97 -0.44 -26.89
C TYR D 61 5.42 -0.79 -27.16
N TRP D 62 5.70 -2.09 -27.10
CA TRP D 62 7.03 -2.61 -27.39
C TRP D 62 6.87 -4.04 -27.90
N THR D 63 7.99 -4.64 -28.29
CA THR D 63 8.00 -5.95 -28.90
C THR D 63 8.60 -6.96 -27.94
N ASP D 64 7.84 -8.02 -27.63
CA ASP D 64 8.33 -9.14 -26.85
C ASP D 64 8.60 -10.29 -27.81
N GLU D 65 9.89 -10.54 -28.08
CA GLU D 65 10.26 -11.54 -29.07
C GLU D 65 9.97 -12.96 -28.61
N PHE D 66 9.63 -13.16 -27.34
CA PHE D 66 9.22 -14.47 -26.85
C PHE D 66 7.72 -14.68 -26.93
N LEU D 67 6.94 -13.61 -26.82
CA LEU D 67 5.48 -13.70 -26.75
C LEU D 67 4.86 -13.57 -28.15
N GLN D 68 5.26 -14.48 -29.03
CA GLN D 68 4.77 -14.51 -30.39
C GLN D 68 4.32 -15.92 -30.76
N TRP D 69 3.35 -16.00 -31.66
CA TRP D 69 2.74 -17.26 -32.04
C TRP D 69 2.15 -17.14 -33.44
N ASN D 70 1.82 -18.29 -34.03
CA ASN D 70 1.13 -18.32 -35.31
C ASN D 70 -0.37 -18.46 -35.08
N PRO D 71 -1.19 -17.48 -35.46
CA PRO D 71 -2.63 -17.57 -35.14
C PRO D 71 -3.30 -18.85 -35.61
N GLU D 72 -2.94 -19.35 -36.79
CA GLU D 72 -3.66 -20.49 -37.36
C GLU D 72 -3.60 -21.73 -36.48
N ASP D 73 -2.63 -21.82 -35.57
CA ASP D 73 -2.53 -22.94 -34.64
C ASP D 73 -3.33 -22.70 -33.36
N PHE D 74 -3.94 -21.53 -33.20
CA PHE D 74 -4.70 -21.17 -32.01
C PHE D 74 -6.04 -20.54 -32.40
N ASP D 75 -6.72 -21.16 -33.35
CA ASP D 75 -8.05 -20.72 -33.78
C ASP D 75 -8.02 -19.26 -34.25
N ASN D 76 -6.96 -18.90 -34.99
CA ASN D 76 -6.86 -17.59 -35.62
C ASN D 76 -6.98 -16.47 -34.59
N ILE D 77 -6.39 -16.65 -33.42
CA ILE D 77 -6.36 -15.60 -32.40
C ILE D 77 -5.24 -14.64 -32.76
N THR D 78 -5.61 -13.40 -33.10
CA THR D 78 -4.64 -12.39 -33.48
C THR D 78 -4.15 -11.57 -32.29
N LYS D 79 -4.96 -11.44 -31.25
CA LYS D 79 -4.56 -10.68 -30.07
C LYS D 79 -5.31 -11.21 -28.86
N LEU D 80 -4.73 -11.00 -27.68
CA LEU D 80 -5.34 -11.42 -26.43
C LEU D 80 -4.78 -10.56 -25.30
N SER D 81 -5.46 -10.60 -24.15
CA SER D 81 -5.10 -9.79 -23.00
C SER D 81 -4.67 -10.70 -21.86
N ILE D 82 -3.57 -10.34 -21.20
CA ILE D 82 -3.07 -11.07 -20.04
C ILE D 82 -2.60 -10.06 -18.99
N PRO D 83 -2.49 -10.49 -17.74
CA PRO D 83 -2.09 -9.57 -16.68
C PRO D 83 -0.74 -8.92 -16.96
N THR D 84 -0.62 -7.65 -16.59
CA THR D 84 0.62 -6.92 -16.83
C THR D 84 1.76 -7.42 -15.95
N ASP D 85 1.44 -7.99 -14.79
CA ASP D 85 2.47 -8.47 -13.88
C ASP D 85 3.05 -9.81 -14.27
N SER D 86 2.51 -10.45 -15.31
CA SER D 86 2.98 -11.75 -15.76
C SER D 86 4.02 -11.66 -16.86
N ILE D 87 4.43 -10.45 -17.25
CA ILE D 87 5.38 -10.25 -18.35
C ILE D 87 6.36 -9.16 -17.94
N TRP D 88 7.39 -9.00 -18.76
CA TRP D 88 8.34 -7.91 -18.57
C TRP D 88 7.71 -6.58 -18.98
N VAL D 89 7.94 -5.56 -18.17
CA VAL D 89 7.43 -4.22 -18.44
C VAL D 89 8.58 -3.22 -18.29
N PRO D 90 8.82 -2.35 -19.27
CA PRO D 90 9.96 -1.43 -19.16
C PRO D 90 9.78 -0.47 -18.00
N ASP D 91 10.91 -0.09 -17.39
CA ASP D 91 10.90 0.87 -16.29
C ASP D 91 10.95 2.30 -16.82
N ILE D 92 10.03 2.63 -17.70
CA ILE D 92 9.95 3.96 -18.29
C ILE D 92 9.23 4.85 -17.26
N LEU D 93 10.00 5.68 -16.57
CA LEU D 93 9.48 6.52 -15.50
C LEU D 93 9.67 8.00 -15.86
N ILE D 94 8.78 8.83 -15.33
CA ILE D 94 8.79 10.26 -15.61
C ILE D 94 9.62 10.96 -14.53
N ASN D 95 10.68 11.65 -14.94
CA ASN D 95 11.45 12.45 -14.01
C ASN D 95 10.67 13.71 -13.63
N GLU D 96 11.28 14.53 -12.79
CA GLU D 96 10.68 15.77 -12.30
C GLU D 96 9.42 15.52 -11.49
N PHE D 97 9.13 14.26 -11.15
CA PHE D 97 7.90 13.92 -10.47
C PHE D 97 8.02 14.19 -8.97
N VAL D 98 6.87 14.43 -8.35
CA VAL D 98 6.80 14.59 -6.90
C VAL D 98 5.81 13.65 -6.23
N ASP D 99 4.84 13.09 -6.95
CA ASP D 99 3.89 12.15 -6.37
C ASP D 99 3.20 11.41 -7.50
N VAL D 100 3.24 10.08 -7.45
CA VAL D 100 2.62 9.23 -8.45
C VAL D 100 1.74 8.15 -7.85
N GLY D 101 1.57 8.12 -6.52
CA GLY D 101 0.77 7.09 -5.91
C GLY D 101 -0.70 7.14 -6.29
N LYS D 102 -1.17 8.29 -6.75
CA LYS D 102 -2.58 8.41 -7.13
C LYS D 102 -2.92 7.59 -8.37
N SER D 103 -1.92 7.16 -9.13
CA SER D 103 -2.18 6.41 -10.36
C SER D 103 -2.49 4.96 -10.03
N PRO D 104 -3.64 4.43 -10.43
CA PRO D 104 -3.91 3.01 -10.21
C PRO D 104 -3.15 2.12 -11.19
N ASN D 105 -2.93 0.88 -10.76
CA ASN D 105 -2.20 -0.09 -11.59
C ASN D 105 -3.18 -0.84 -12.47
N ILE D 106 -3.05 -0.68 -13.78
CA ILE D 106 -3.93 -1.37 -14.72
C ILE D 106 -3.55 -2.85 -14.76
N PRO D 107 -4.50 -3.78 -14.59
CA PRO D 107 -4.11 -5.19 -14.53
C PRO D 107 -3.68 -5.77 -15.86
N TYR D 108 -4.40 -5.47 -16.95
CA TYR D 108 -4.23 -6.18 -18.22
C TYR D 108 -3.52 -5.31 -19.25
N VAL D 109 -2.89 -5.99 -20.21
CA VAL D 109 -2.26 -5.35 -21.36
C VAL D 109 -2.58 -6.20 -22.58
N TYR D 110 -2.70 -5.55 -23.74
CA TYR D 110 -2.99 -6.25 -24.98
C TYR D 110 -1.71 -6.74 -25.64
N ILE D 111 -1.80 -7.91 -26.27
CA ILE D 111 -0.68 -8.54 -26.95
C ILE D 111 -1.15 -9.05 -28.31
N ARG D 112 -0.27 -8.95 -29.31
CA ARG D 112 -0.56 -9.39 -30.66
C ARG D 112 0.40 -10.52 -31.05
N HIS D 113 -0.01 -11.29 -32.05
CA HIS D 113 0.74 -12.48 -32.43
C HIS D 113 2.14 -12.14 -32.96
N GLN D 114 2.37 -10.90 -33.36
CA GLN D 114 3.70 -10.49 -33.81
C GLN D 114 4.67 -10.31 -32.64
N GLY D 115 4.20 -10.38 -31.41
CA GLY D 115 5.02 -10.09 -30.24
C GLY D 115 4.83 -8.69 -29.69
N GLU D 116 4.08 -7.84 -30.38
CA GLU D 116 3.84 -6.48 -29.91
C GLU D 116 3.00 -6.51 -28.64
N VAL D 117 3.39 -5.68 -27.67
CA VAL D 117 2.67 -5.55 -26.40
C VAL D 117 2.19 -4.11 -26.30
N GLN D 118 0.91 -3.93 -26.02
CA GLN D 118 0.30 -2.61 -25.87
C GLN D 118 -0.15 -2.43 -24.43
N ASN D 119 0.31 -1.35 -23.80
CA ASN D 119 -0.03 -1.04 -22.42
C ASN D 119 -0.68 0.33 -22.37
N TYR D 120 -1.93 0.39 -21.91
CA TYR D 120 -2.66 1.64 -21.70
C TYR D 120 -2.84 1.84 -20.20
N LYS D 121 -2.38 2.99 -19.69
CA LYS D 121 -2.45 3.26 -18.27
C LYS D 121 -2.70 4.76 -18.06
N PRO D 122 -3.37 5.13 -16.98
CA PRO D 122 -3.48 6.55 -16.63
C PRO D 122 -2.35 6.99 -15.72
N LEU D 123 -2.14 8.31 -15.69
CA LEU D 123 -1.10 8.91 -14.86
C LEU D 123 -1.66 10.13 -14.17
N GLN D 124 -1.61 10.14 -12.84
CA GLN D 124 -2.00 11.27 -12.02
C GLN D 124 -0.77 11.99 -11.47
N VAL D 125 0.28 12.05 -12.28
CA VAL D 125 1.56 12.56 -11.83
C VAL D 125 1.47 14.05 -11.54
N VAL D 126 2.09 14.47 -10.43
CA VAL D 126 2.31 15.88 -10.12
C VAL D 126 3.80 16.14 -10.28
N THR D 127 4.14 17.15 -11.08
CA THR D 127 5.52 17.43 -11.45
C THR D 127 5.95 18.79 -10.92
N ALA D 128 7.24 18.91 -10.63
CA ALA D 128 7.84 20.14 -10.16
C ALA D 128 8.52 20.83 -11.34
N CYS D 129 8.11 22.06 -11.62
CA CYS D 129 8.69 22.83 -12.71
C CYS D 129 8.54 24.32 -12.39
N SER D 130 9.35 25.13 -13.07
CA SER D 130 9.37 26.56 -12.80
C SER D 130 8.08 27.20 -13.32
N LEU D 131 7.36 27.88 -12.43
CA LEU D 131 6.12 28.57 -12.77
C LEU D 131 6.22 30.00 -12.27
N ASP D 132 6.40 30.94 -13.19
CA ASP D 132 6.47 32.35 -12.83
C ASP D 132 5.09 32.99 -12.89
N ILE D 133 4.86 33.94 -11.98
CA ILE D 133 3.57 34.63 -11.89
C ILE D 133 3.76 36.07 -12.32
N TYR D 134 4.74 36.30 -13.19
CA TYR D 134 5.03 37.65 -13.65
C TYR D 134 3.86 38.26 -14.39
N ASN D 135 3.21 37.47 -15.25
CA ASN D 135 2.10 37.92 -16.09
C ASN D 135 0.76 37.37 -15.60
N PHE D 136 0.59 37.32 -14.28
CA PHE D 136 -0.55 36.65 -13.63
C PHE D 136 -1.86 36.79 -14.40
N PRO D 137 -2.32 38.00 -14.69
CA PRO D 137 -3.65 38.13 -15.33
C PRO D 137 -3.73 37.43 -16.68
N PHE D 138 -2.65 37.44 -17.45
CA PHE D 138 -2.57 36.76 -18.74
C PHE D 138 -1.38 35.81 -18.77
N ASP D 139 -1.19 35.07 -17.68
CA ASP D 139 0.00 34.25 -17.53
C ASP D 139 -0.01 33.08 -18.51
N VAL D 140 1.18 32.76 -19.02
CA VAL D 140 1.40 31.58 -19.86
C VAL D 140 2.57 30.80 -19.26
N GLN D 141 2.36 29.51 -19.04
CA GLN D 141 3.35 28.66 -18.39
C GLN D 141 3.89 27.63 -19.37
N ASN D 142 5.08 27.11 -19.05
CA ASN D 142 5.77 26.14 -19.90
C ASN D 142 6.41 25.09 -18.99
N CYS D 143 5.67 24.00 -18.75
CA CYS D 143 6.15 22.90 -17.93
C CYS D 143 6.45 21.70 -18.83
N SER D 144 7.36 20.85 -18.37
CA SER D 144 7.87 19.75 -19.17
C SER D 144 7.70 18.42 -18.45
N LEU D 145 7.33 17.40 -19.21
CA LEU D 145 7.31 16.02 -18.76
C LEU D 145 8.31 15.22 -19.57
N THR D 146 9.23 14.55 -18.89
CA THR D 146 10.28 13.77 -19.53
C THR D 146 10.13 12.32 -19.11
N PHE D 147 9.98 11.43 -20.10
CA PHE D 147 9.86 10.00 -19.86
C PHE D 147 11.16 9.32 -20.26
N THR D 148 11.73 8.53 -19.35
CA THR D 148 13.02 7.91 -19.57
C THR D 148 13.02 6.51 -18.98
N SER D 149 13.87 5.65 -19.54
CA SER D 149 14.20 4.38 -18.91
C SER D 149 15.07 4.67 -17.69
N TRP D 150 14.48 4.54 -16.50
CA TRP D 150 15.15 5.02 -15.29
C TRP D 150 16.52 4.37 -15.12
N LEU D 151 16.62 3.07 -15.39
CA LEU D 151 17.87 2.34 -15.20
C LEU D 151 18.52 1.95 -16.51
N HIS D 152 17.77 1.34 -17.43
CA HIS D 152 18.35 0.83 -18.66
C HIS D 152 18.90 1.96 -19.53
N THR D 153 20.06 1.70 -20.12
CA THR D 153 20.69 2.67 -21.02
C THR D 153 20.03 2.62 -22.39
N ILE D 154 20.52 3.45 -23.31
CA ILE D 154 19.99 3.47 -24.67
C ILE D 154 20.24 2.14 -25.36
N GLN D 155 21.37 1.49 -25.06
CA GLN D 155 21.70 0.21 -25.67
C GLN D 155 20.75 -0.90 -25.23
N ASP D 156 19.97 -0.69 -24.18
CA ASP D 156 19.00 -1.67 -23.72
C ASP D 156 17.55 -1.26 -23.97
N ILE D 157 17.20 -0.01 -23.66
CA ILE D 157 15.86 0.51 -23.88
C ILE D 157 15.97 1.85 -24.58
N ASN D 158 15.20 2.02 -25.66
CA ASN D 158 15.13 3.28 -26.38
C ASN D 158 13.66 3.69 -26.50
N ILE D 159 13.43 5.00 -26.54
CA ILE D 159 12.08 5.57 -26.49
C ILE D 159 11.83 6.30 -27.80
N SER D 160 10.66 6.05 -28.39
CA SER D 160 10.24 6.69 -29.63
C SER D 160 8.79 7.15 -29.48
N LEU D 161 8.26 7.76 -30.54
CA LEU D 161 6.90 8.29 -30.54
C LEU D 161 5.96 7.35 -31.29
N TRP D 162 4.81 7.07 -30.67
CA TRP D 162 3.80 6.27 -31.33
C TRP D 162 3.23 6.98 -32.56
N ARG D 163 2.85 8.24 -32.40
CA ARG D 163 2.29 9.04 -33.47
C ARG D 163 3.30 10.06 -33.95
N LEU D 164 2.97 10.71 -35.06
CA LEU D 164 3.84 11.75 -35.59
C LEU D 164 3.87 12.94 -34.64
N PRO D 165 4.99 13.66 -34.57
CA PRO D 165 5.09 14.76 -33.59
C PRO D 165 4.03 15.83 -33.76
N GLU D 166 3.65 16.14 -35.00
CA GLU D 166 2.68 17.21 -35.21
C GLU D 166 1.27 16.81 -34.75
N LYS D 167 0.90 15.54 -34.92
CA LYS D 167 -0.43 15.11 -34.50
C LYS D 167 -0.59 15.17 -32.99
N VAL D 168 0.43 14.75 -32.25
CA VAL D 168 0.38 14.83 -30.80
C VAL D 168 0.58 16.25 -30.30
N LYS D 169 1.25 17.10 -31.10
CA LYS D 169 1.50 18.48 -30.68
C LYS D 169 0.21 19.29 -30.61
N SER D 170 -0.81 18.94 -31.39
CA SER D 170 -2.06 19.68 -31.39
C SER D 170 -3.22 18.77 -31.02
N ASP D 171 -3.04 17.95 -29.99
CA ASP D 171 -4.03 16.97 -29.57
C ASP D 171 -4.82 17.55 -28.41
N ARG D 172 -6.05 17.98 -28.69
CA ARG D 172 -6.99 18.44 -27.68
C ARG D 172 -8.32 17.68 -27.80
N SER D 173 -8.24 16.42 -28.23
CA SER D 173 -9.45 15.66 -28.52
C SER D 173 -10.22 15.26 -27.26
N VAL D 174 -9.52 15.02 -26.16
CA VAL D 174 -10.16 14.50 -24.95
C VAL D 174 -9.85 15.41 -23.76
N PHE D 175 -9.29 16.59 -24.03
CA PHE D 175 -8.97 17.52 -22.96
C PHE D 175 -10.25 18.08 -22.33
N MET D 176 -10.20 18.28 -21.02
CA MET D 176 -11.31 18.89 -20.28
C MET D 176 -11.18 20.40 -20.42
N ASN D 177 -11.76 20.94 -21.49
CA ASN D 177 -11.59 22.35 -21.84
C ASN D 177 -12.65 23.21 -21.14
N GLN D 178 -12.70 23.06 -19.81
CA GLN D 178 -13.59 23.89 -19.01
C GLN D 178 -12.93 24.33 -17.71
N GLY D 179 -11.61 24.14 -17.55
CA GLY D 179 -10.91 24.55 -16.35
C GLY D 179 -10.29 25.92 -16.48
N GLU D 180 -9.56 26.32 -15.43
CA GLU D 180 -8.91 27.62 -15.42
C GLU D 180 -7.80 27.73 -16.45
N TRP D 181 -7.26 26.60 -16.92
CA TRP D 181 -6.14 26.58 -17.84
C TRP D 181 -6.55 26.00 -19.19
N GLU D 182 -5.94 26.52 -20.25
CA GLU D 182 -6.17 26.06 -21.61
C GLU D 182 -4.87 25.50 -22.17
N LEU D 183 -4.96 24.34 -22.81
CA LEU D 183 -3.80 23.66 -23.38
C LEU D 183 -3.54 24.19 -24.78
N LEU D 184 -2.35 24.73 -25.00
CA LEU D 184 -1.97 25.24 -26.31
C LEU D 184 -1.25 24.19 -27.15
N GLY D 185 -0.50 23.28 -26.52
CA GLY D 185 0.17 22.24 -27.27
C GLY D 185 0.99 21.37 -26.33
N VAL D 186 1.39 20.22 -26.86
CA VAL D 186 2.23 19.25 -26.14
C VAL D 186 3.40 18.95 -27.06
N LEU D 187 4.50 19.68 -26.91
CA LEU D 187 5.63 19.57 -27.83
C LEU D 187 6.57 18.46 -27.37
N PRO D 188 6.77 17.40 -28.17
CA PRO D 188 7.74 16.37 -27.80
C PRO D 188 9.16 16.79 -28.17
N TYR D 189 10.12 16.05 -27.60
CA TYR D 189 11.52 16.28 -27.88
C TYR D 189 12.36 15.11 -27.40
N PHE D 190 13.25 14.61 -28.25
CA PHE D 190 14.10 13.47 -27.94
C PHE D 190 15.52 13.95 -27.71
N ARG D 191 16.14 13.49 -26.63
CA ARG D 191 17.51 13.86 -26.30
C ARG D 191 18.18 12.69 -25.60
N GLU D 192 19.46 12.50 -25.90
CA GLU D 192 20.27 11.47 -25.25
C GLU D 192 20.92 12.07 -24.01
N PHE D 193 20.57 11.55 -22.85
CA PHE D 193 21.03 12.08 -21.57
C PHE D 193 22.19 11.24 -21.06
N SER D 194 23.31 11.89 -20.80
CA SER D 194 24.52 11.20 -20.35
C SER D 194 25.27 12.07 -19.36
N MET D 195 25.63 11.49 -18.23
CA MET D 195 26.47 12.14 -17.23
C MET D 195 27.81 11.43 -17.05
N GLU D 196 27.80 10.10 -16.97
CA GLU D 196 29.05 9.36 -16.96
C GLU D 196 29.68 9.35 -18.35
N SER D 197 30.94 8.93 -18.40
CA SER D 197 31.70 8.94 -19.64
C SER D 197 31.31 7.82 -20.60
N SER D 198 30.50 6.86 -20.16
CA SER D 198 30.17 5.70 -20.98
C SER D 198 28.69 5.36 -21.04
N ASN D 199 27.85 5.97 -20.21
CA ASN D 199 26.43 5.63 -20.14
C ASN D 199 25.60 6.72 -20.83
N TYR D 200 24.76 6.30 -21.77
CA TYR D 200 23.83 7.18 -22.46
C TYR D 200 22.41 6.67 -22.24
N TYR D 201 21.53 7.56 -21.81
CA TYR D 201 20.14 7.23 -21.56
C TYR D 201 19.23 8.05 -22.48
N ALA D 202 18.20 7.40 -23.01
CA ALA D 202 17.27 8.02 -23.93
C ALA D 202 16.04 8.50 -23.17
N GLU D 203 15.66 9.76 -23.40
CA GLU D 203 14.48 10.33 -22.76
C GLU D 203 13.71 11.15 -23.79
N MET D 204 12.42 11.31 -23.54
CA MET D 204 11.52 12.06 -24.42
C MET D 204 10.83 13.13 -23.59
N LYS D 205 11.10 14.39 -23.92
CA LYS D 205 10.54 15.52 -23.19
C LYS D 205 9.25 16.00 -23.85
N PHE D 206 8.20 16.13 -23.05
CA PHE D 206 6.91 16.65 -23.50
C PHE D 206 6.67 17.98 -22.81
N TYR D 207 6.64 19.07 -23.58
CA TYR D 207 6.41 20.40 -23.06
C TYR D 207 4.91 20.71 -23.14
N VAL D 208 4.27 20.84 -21.98
CA VAL D 208 2.86 21.20 -21.91
C VAL D 208 2.77 22.72 -21.81
N VAL D 209 2.23 23.34 -22.85
CA VAL D 209 2.11 24.79 -22.93
C VAL D 209 0.68 25.17 -22.57
N ILE D 210 0.53 26.01 -21.57
CA ILE D 210 -0.78 26.38 -21.04
C ILE D 210 -0.81 27.88 -20.74
N ARG D 211 -1.95 28.50 -21.01
CA ARG D 211 -2.16 29.91 -20.70
C ARG D 211 -3.45 30.06 -19.90
N ARG D 212 -3.42 30.97 -18.92
CA ARG D 212 -4.55 31.17 -18.04
C ARG D 212 -5.70 31.85 -18.78
N ARG D 213 -6.90 31.73 -18.22
CA ARG D 213 -8.08 32.35 -18.79
C ARG D 213 -9.12 32.65 -17.70
N ARG E 3 -15.59 -35.78 1.77
CA ARG E 3 -15.34 -34.34 1.47
C ARG E 3 -16.64 -33.54 1.45
N PRO E 4 -16.66 -32.37 2.08
CA PRO E 4 -17.85 -31.52 2.01
C PRO E 4 -18.08 -31.00 0.59
N ALA E 5 -19.35 -30.71 0.29
CA ALA E 5 -19.72 -30.32 -1.06
C ALA E 5 -18.99 -29.04 -1.48
N LEU E 6 -18.87 -28.07 -0.57
CA LEU E 6 -18.22 -26.82 -0.93
C LEU E 6 -16.77 -27.03 -1.35
N LEU E 7 -16.03 -27.87 -0.61
CA LEU E 7 -14.65 -28.13 -0.97
C LEU E 7 -14.55 -28.83 -2.32
N ARG E 8 -15.41 -29.81 -2.56
CA ARG E 8 -15.40 -30.51 -3.85
C ARG E 8 -15.67 -29.55 -4.99
N LEU E 9 -16.66 -28.67 -4.83
CA LEU E 9 -16.99 -27.72 -5.89
C LEU E 9 -15.84 -26.74 -6.11
N SER E 10 -15.25 -26.22 -5.03
CA SER E 10 -14.17 -25.26 -5.17
C SER E 10 -12.98 -25.90 -5.89
N ASP E 11 -12.63 -27.13 -5.52
CA ASP E 11 -11.54 -27.83 -6.20
C ASP E 11 -11.88 -28.05 -7.67
N TYR E 12 -13.06 -28.60 -7.95
CA TYR E 12 -13.47 -28.88 -9.32
C TYR E 12 -13.43 -27.61 -10.18
N LEU E 13 -13.70 -26.45 -9.58
CA LEU E 13 -13.70 -25.21 -10.34
C LEU E 13 -12.30 -24.65 -10.52
N LEU E 14 -11.54 -24.51 -9.43
CA LEU E 14 -10.30 -23.75 -9.47
C LEU E 14 -9.06 -24.59 -9.75
N THR E 15 -9.18 -25.92 -9.80
CA THR E 15 -8.01 -26.75 -10.09
C THR E 15 -7.70 -26.80 -11.58
N ASN E 16 -8.65 -26.44 -12.44
CA ASN E 16 -8.47 -26.42 -13.89
C ASN E 16 -8.88 -25.07 -14.45
N TYR E 17 -8.45 -24.00 -13.79
CA TYR E 17 -8.85 -22.65 -14.16
C TYR E 17 -7.71 -21.69 -13.85
N ARG E 18 -7.51 -20.71 -14.72
CA ARG E 18 -6.49 -19.68 -14.53
C ARG E 18 -7.09 -18.32 -14.86
N LYS E 19 -6.62 -17.30 -14.16
CA LYS E 19 -7.25 -15.98 -14.15
C LYS E 19 -6.74 -15.05 -15.24
N GLY E 20 -5.68 -15.42 -15.96
CA GLY E 20 -5.11 -14.50 -16.93
C GLY E 20 -6.01 -14.24 -18.12
N VAL E 21 -6.74 -15.27 -18.57
CA VAL E 21 -7.47 -15.21 -19.82
C VAL E 21 -8.86 -14.61 -19.58
N ARG E 22 -9.48 -14.19 -20.68
CA ARG E 22 -10.89 -13.79 -20.64
C ARG E 22 -11.75 -15.04 -20.64
N PRO E 23 -12.70 -15.17 -19.70
CA PRO E 23 -13.46 -16.43 -19.56
C PRO E 23 -14.57 -16.62 -20.61
N VAL E 24 -14.19 -17.09 -21.78
CA VAL E 24 -15.14 -17.41 -22.85
C VAL E 24 -14.64 -18.64 -23.60
N ARG E 25 -15.56 -19.55 -23.91
CA ARG E 25 -15.19 -20.74 -24.67
C ARG E 25 -14.69 -20.37 -26.06
N ASP E 26 -15.36 -19.42 -26.72
CA ASP E 26 -14.98 -18.94 -28.03
C ASP E 26 -14.54 -17.49 -27.91
N TRP E 27 -13.33 -17.19 -28.38
CA TRP E 27 -12.79 -15.84 -28.31
C TRP E 27 -13.56 -14.85 -29.17
N ARG E 28 -14.34 -15.33 -30.14
CA ARG E 28 -15.01 -14.45 -31.08
C ARG E 28 -16.21 -13.72 -30.47
N LYS E 29 -16.64 -14.10 -29.26
CA LYS E 29 -17.78 -13.43 -28.63
C LYS E 29 -17.29 -12.49 -27.54
N PRO E 30 -17.92 -11.33 -27.38
CA PRO E 30 -17.52 -10.42 -26.30
C PRO E 30 -18.04 -10.88 -24.95
N THR E 31 -17.44 -10.33 -23.91
CA THR E 31 -17.82 -10.61 -22.52
C THR E 31 -18.68 -9.46 -22.04
N THR E 32 -20.00 -9.62 -22.17
CA THR E 32 -20.93 -8.58 -21.76
C THR E 32 -20.93 -8.43 -20.25
N VAL E 33 -20.85 -7.19 -19.79
CA VAL E 33 -20.83 -6.86 -18.37
C VAL E 33 -22.02 -5.95 -18.08
N SER E 34 -22.80 -6.31 -17.06
CA SER E 34 -23.92 -5.48 -16.61
C SER E 34 -23.54 -4.82 -15.29
N ILE E 35 -23.75 -3.51 -15.21
CA ILE E 35 -23.34 -2.72 -14.06
C ILE E 35 -24.52 -1.93 -13.53
N ASP E 36 -24.44 -1.57 -12.26
CA ASP E 36 -25.44 -0.73 -11.60
C ASP E 36 -24.73 0.21 -10.64
N VAL E 37 -25.30 1.39 -10.45
CA VAL E 37 -24.72 2.43 -9.61
C VAL E 37 -25.80 2.95 -8.67
N ILE E 38 -25.46 2.98 -7.37
CA ILE E 38 -26.32 3.57 -6.35
C ILE E 38 -25.48 4.58 -5.58
N VAL E 39 -25.99 5.80 -5.46
CA VAL E 39 -25.27 6.88 -4.80
C VAL E 39 -25.64 6.85 -3.33
N TYR E 40 -24.68 6.49 -2.47
CA TYR E 40 -24.93 6.39 -1.04
C TYR E 40 -24.79 7.74 -0.33
N ALA E 41 -23.88 8.60 -0.78
CA ALA E 41 -23.69 9.90 -0.15
C ALA E 41 -22.79 10.74 -1.05
N ILE E 42 -22.83 12.05 -0.81
CA ILE E 42 -21.99 13.01 -1.52
C ILE E 42 -21.16 13.72 -0.44
N LEU E 43 -19.95 13.23 -0.20
CA LEU E 43 -19.16 13.70 0.92
C LEU E 43 -18.76 15.16 0.74
N ASN E 44 -18.31 15.54 -0.45
CA ASN E 44 -17.78 16.87 -0.67
C ASN E 44 -17.95 17.27 -2.13
N VAL E 45 -18.22 18.56 -2.34
CA VAL E 45 -18.25 19.17 -3.66
C VAL E 45 -17.36 20.39 -3.62
N ASP E 46 -16.19 20.31 -4.26
CA ASP E 46 -15.19 21.36 -4.21
C ASP E 46 -15.25 22.18 -5.49
N GLU E 47 -15.76 23.41 -5.38
CA GLU E 47 -15.76 24.32 -6.52
C GLU E 47 -14.38 24.90 -6.78
N LYS E 48 -13.56 25.04 -5.73
CA LYS E 48 -12.22 25.58 -5.91
C LYS E 48 -11.37 24.67 -6.80
N ASN E 49 -11.32 23.38 -6.48
CA ASN E 49 -10.56 22.41 -7.26
C ASN E 49 -11.38 21.77 -8.36
N GLN E 50 -12.66 22.12 -8.49
CA GLN E 50 -13.52 21.58 -9.54
C GLN E 50 -13.61 20.06 -9.47
N VAL E 51 -13.69 19.53 -8.25
CA VAL E 51 -13.85 18.10 -8.01
C VAL E 51 -14.91 17.89 -6.96
N LEU E 52 -15.56 16.72 -7.00
CA LEU E 52 -16.52 16.32 -6.00
C LEU E 52 -16.29 14.85 -5.64
N THR E 53 -16.61 14.50 -4.41
CA THR E 53 -16.44 13.14 -3.91
C THR E 53 -17.81 12.49 -3.74
N THR E 54 -17.95 11.28 -4.30
CA THR E 54 -19.18 10.52 -4.21
C THR E 54 -18.89 9.13 -3.66
N TYR E 55 -19.64 8.74 -2.63
CA TYR E 55 -19.58 7.40 -2.08
C TYR E 55 -20.75 6.63 -2.68
N ILE E 56 -20.46 5.80 -3.69
CA ILE E 56 -21.48 5.09 -4.45
C ILE E 56 -21.29 3.60 -4.25
N TRP E 57 -22.41 2.88 -4.15
CA TRP E 57 -22.39 1.43 -4.06
C TRP E 57 -22.45 0.85 -5.47
N TYR E 58 -21.37 0.19 -5.89
CA TYR E 58 -21.21 -0.30 -7.25
C TYR E 58 -21.31 -1.82 -7.26
N ARG E 59 -22.17 -2.34 -8.14
CA ARG E 59 -22.31 -3.77 -8.32
C ARG E 59 -22.33 -4.07 -9.81
N GLN E 60 -21.76 -5.22 -10.18
CA GLN E 60 -21.71 -5.63 -11.58
C GLN E 60 -21.73 -7.15 -11.63
N TYR E 61 -22.13 -7.69 -12.78
CA TYR E 61 -22.11 -9.12 -12.97
C TYR E 61 -21.76 -9.44 -14.42
N TRP E 62 -21.16 -10.61 -14.62
CA TRP E 62 -20.80 -11.10 -15.94
C TRP E 62 -20.82 -12.62 -15.91
N THR E 63 -20.59 -13.23 -17.07
CA THR E 63 -20.69 -14.66 -17.23
C THR E 63 -19.29 -15.24 -17.44
N ASP E 64 -18.91 -16.19 -16.58
CA ASP E 64 -17.68 -16.96 -16.73
C ASP E 64 -18.05 -18.33 -17.27
N GLU E 65 -17.79 -18.55 -18.55
CA GLU E 65 -18.20 -19.79 -19.21
C GLU E 65 -17.41 -21.00 -18.72
N PHE E 66 -16.33 -20.79 -17.97
CA PHE E 66 -15.59 -21.89 -17.37
C PHE E 66 -16.09 -22.23 -15.97
N LEU E 67 -16.61 -21.25 -15.24
CA LEU E 67 -17.00 -21.43 -13.84
C LEU E 67 -18.47 -21.82 -13.73
N GLN E 68 -18.82 -22.94 -14.37
CA GLN E 68 -20.17 -23.46 -14.37
C GLN E 68 -20.16 -24.94 -14.02
N TRP E 69 -21.25 -25.39 -13.40
CA TRP E 69 -21.36 -26.75 -12.92
C TRP E 69 -22.82 -27.14 -12.83
N ASN E 70 -23.07 -28.45 -12.68
CA ASN E 70 -24.41 -28.96 -12.45
C ASN E 70 -24.66 -29.13 -10.96
N PRO E 71 -25.61 -28.41 -10.36
CA PRO E 71 -25.76 -28.50 -8.89
C PRO E 71 -25.96 -29.91 -8.38
N GLU E 72 -26.71 -30.75 -9.09
CA GLU E 72 -27.06 -32.06 -8.56
C GLU E 72 -25.85 -32.94 -8.28
N ASP E 73 -24.69 -32.63 -8.88
CA ASP E 73 -23.47 -33.37 -8.60
C ASP E 73 -22.68 -32.78 -7.44
N PHE E 74 -23.14 -31.69 -6.85
CA PHE E 74 -22.46 -31.02 -5.75
C PHE E 74 -23.45 -30.65 -4.65
N ASP E 75 -24.31 -31.62 -4.30
CA ASP E 75 -25.29 -31.44 -3.21
C ASP E 75 -26.18 -30.22 -3.46
N ASN E 76 -26.61 -30.06 -4.71
CA ASN E 76 -27.57 -29.02 -5.08
C ASN E 76 -27.08 -27.64 -4.65
N ILE E 77 -25.80 -27.37 -4.81
CA ILE E 77 -25.24 -26.05 -4.54
C ILE E 77 -25.52 -25.16 -5.74
N THR E 78 -26.36 -24.15 -5.56
CA THR E 78 -26.71 -23.24 -6.65
C THR E 78 -25.77 -22.04 -6.74
N LYS E 79 -25.17 -21.63 -5.62
CA LYS E 79 -24.25 -20.50 -5.63
C LYS E 79 -23.25 -20.66 -4.49
N LEU E 80 -22.09 -20.03 -4.65
CA LEU E 80 -21.05 -20.04 -3.64
C LEU E 80 -20.18 -18.82 -3.82
N SER E 81 -19.38 -18.54 -2.79
CA SER E 81 -18.50 -17.36 -2.77
C SER E 81 -17.06 -17.81 -2.75
N ILE E 82 -16.23 -17.17 -3.59
CA ILE E 82 -14.80 -17.42 -3.63
C ILE E 82 -14.06 -16.10 -3.76
N PRO E 83 -12.77 -16.08 -3.43
CA PRO E 83 -12.02 -14.81 -3.48
C PRO E 83 -12.04 -14.20 -4.87
N THR E 84 -12.10 -12.87 -4.91
CA THR E 84 -12.16 -12.17 -6.18
C THR E 84 -10.84 -12.25 -6.94
N ASP E 85 -9.74 -12.43 -6.23
CA ASP E 85 -8.42 -12.49 -6.87
C ASP E 85 -8.12 -13.84 -7.50
N SER E 86 -9.00 -14.83 -7.32
CA SER E 86 -8.80 -16.17 -7.86
C SER E 86 -9.46 -16.36 -9.21
N ILE E 87 -10.08 -15.32 -9.77
CA ILE E 87 -10.79 -15.42 -11.04
C ILE E 87 -10.48 -14.18 -11.87
N TRP E 88 -10.92 -14.22 -13.13
CA TRP E 88 -10.81 -13.05 -14.00
C TRP E 88 -11.83 -12.00 -13.59
N VAL E 89 -11.39 -10.73 -13.58
CA VAL E 89 -12.25 -9.61 -13.23
C VAL E 89 -12.08 -8.54 -14.31
N PRO E 90 -13.15 -8.03 -14.90
CA PRO E 90 -12.99 -7.02 -15.96
C PRO E 90 -12.34 -5.75 -15.44
N ASP E 91 -11.57 -5.11 -16.30
CA ASP E 91 -10.92 -3.84 -15.98
C ASP E 91 -11.85 -2.66 -16.26
N ILE E 92 -13.06 -2.72 -15.69
CA ILE E 92 -14.05 -1.66 -15.87
C ILE E 92 -13.68 -0.56 -14.89
N LEU E 93 -13.11 0.52 -15.40
CA LEU E 93 -12.62 1.63 -14.59
C LEU E 93 -13.36 2.91 -14.94
N ILE E 94 -13.48 3.79 -13.97
CA ILE E 94 -14.20 5.05 -14.13
C ILE E 94 -13.22 6.13 -14.55
N ASN E 95 -13.46 6.72 -15.72
CA ASN E 95 -12.65 7.84 -16.17
C ASN E 95 -13.01 9.09 -15.36
N GLU E 96 -12.34 10.20 -15.68
CA GLU E 96 -12.53 11.47 -15.00
C GLU E 96 -12.15 11.40 -13.53
N PHE E 97 -11.53 10.31 -13.09
CA PHE E 97 -11.21 10.12 -11.69
C PHE E 97 -9.94 10.88 -11.31
N VAL E 98 -9.85 11.22 -10.02
CA VAL E 98 -8.66 11.85 -9.48
C VAL E 98 -8.07 11.10 -8.29
N ASP E 99 -8.84 10.26 -7.59
CA ASP E 99 -8.31 9.50 -6.47
C ASP E 99 -9.29 8.37 -6.17
N VAL E 100 -8.78 7.14 -6.14
CA VAL E 100 -9.59 5.96 -5.85
C VAL E 100 -8.97 5.07 -4.79
N GLY E 101 -7.86 5.47 -4.18
CA GLY E 101 -7.22 4.63 -3.18
C GLY E 101 -8.06 4.43 -1.93
N LYS E 102 -9.02 5.33 -1.68
CA LYS E 102 -9.86 5.21 -0.50
C LYS E 102 -10.78 4.00 -0.56
N SER E 103 -10.98 3.42 -1.73
CA SER E 103 -11.89 2.30 -1.89
C SER E 103 -11.21 1.00 -1.42
N PRO E 104 -11.77 0.28 -0.46
CA PRO E 104 -11.18 -1.00 -0.07
C PRO E 104 -11.49 -2.10 -1.08
N ASN E 105 -10.63 -3.11 -1.10
CA ASN E 105 -10.78 -4.22 -2.02
C ASN E 105 -11.63 -5.31 -1.37
N ILE E 106 -12.79 -5.57 -1.95
CA ILE E 106 -13.68 -6.61 -1.40
C ILE E 106 -13.09 -7.99 -1.71
N PRO E 107 -12.94 -8.88 -0.73
CA PRO E 107 -12.27 -10.16 -1.03
C PRO E 107 -13.11 -11.11 -1.85
N TYR E 108 -14.41 -11.25 -1.56
CA TYR E 108 -15.22 -12.31 -2.11
C TYR E 108 -16.20 -11.78 -3.16
N VAL E 109 -16.60 -12.69 -4.06
CA VAL E 109 -17.62 -12.42 -5.06
C VAL E 109 -18.53 -13.65 -5.14
N TYR E 110 -19.80 -13.43 -5.45
CA TYR E 110 -20.75 -14.52 -5.56
C TYR E 110 -20.74 -15.11 -6.98
N ILE E 111 -20.95 -16.42 -7.06
CA ILE E 111 -20.95 -17.15 -8.32
C ILE E 111 -22.13 -18.11 -8.31
N ARG E 112 -22.75 -18.27 -9.48
CA ARG E 112 -23.89 -19.17 -9.65
C ARG E 112 -23.54 -20.27 -10.63
N HIS E 113 -24.29 -21.37 -10.56
CA HIS E 113 -23.98 -22.55 -11.35
C HIS E 113 -24.10 -22.29 -12.85
N GLN E 114 -24.80 -21.24 -13.26
CA GLN E 114 -24.89 -20.89 -14.67
C GLN E 114 -23.61 -20.26 -15.20
N GLY E 115 -22.65 -19.95 -14.34
CA GLY E 115 -21.46 -19.23 -14.72
C GLY E 115 -21.50 -17.76 -14.42
N GLU E 116 -22.64 -17.24 -13.97
CA GLU E 116 -22.76 -15.83 -13.64
C GLU E 116 -21.91 -15.49 -12.42
N VAL E 117 -21.21 -14.37 -12.50
CA VAL E 117 -20.38 -13.88 -11.40
C VAL E 117 -20.93 -12.53 -10.97
N GLN E 118 -21.17 -12.38 -9.67
CA GLN E 118 -21.68 -11.13 -9.10
C GLN E 118 -20.62 -10.53 -8.20
N ASN E 119 -20.29 -9.27 -8.45
CA ASN E 119 -19.29 -8.53 -7.68
C ASN E 119 -19.93 -7.28 -7.11
N TYR E 120 -19.95 -7.18 -5.79
CA TYR E 120 -20.43 -6.00 -5.09
C TYR E 120 -19.24 -5.33 -4.41
N LYS E 121 -19.03 -4.04 -4.71
CA LYS E 121 -17.89 -3.32 -4.17
C LYS E 121 -18.29 -1.86 -3.94
N PRO E 122 -17.69 -1.20 -2.95
CA PRO E 122 -17.90 0.24 -2.78
C PRO E 122 -16.87 1.05 -3.55
N LEU E 123 -17.22 2.31 -3.80
CA LEU E 123 -16.35 3.23 -4.52
C LEU E 123 -16.33 4.57 -3.80
N GLN E 124 -15.15 5.01 -3.40
CA GLN E 124 -14.93 6.32 -2.80
C GLN E 124 -14.30 7.27 -3.80
N VAL E 125 -14.68 7.15 -5.07
CA VAL E 125 -14.03 7.89 -6.14
C VAL E 125 -14.31 9.37 -6.01
N VAL E 126 -13.28 10.18 -6.23
CA VAL E 126 -13.41 11.62 -6.39
C VAL E 126 -13.14 11.94 -7.86
N THR E 127 -14.08 12.66 -8.49
CA THR E 127 -14.04 12.91 -9.91
C THR E 127 -13.89 14.39 -10.20
N ALA E 128 -13.25 14.70 -11.32
CA ALA E 128 -13.06 16.07 -11.77
C ALA E 128 -14.11 16.37 -12.84
N CYS E 129 -14.91 17.41 -12.59
CA CYS E 129 -15.94 17.83 -13.54
C CYS E 129 -16.21 19.31 -13.35
N SER E 130 -16.81 19.91 -14.37
CA SER E 130 -17.06 21.35 -14.35
C SER E 130 -18.15 21.67 -13.34
N LEU E 131 -17.83 22.55 -12.39
CA LEU E 131 -18.77 22.98 -11.36
C LEU E 131 -18.79 24.51 -11.34
N ASP E 132 -19.85 25.10 -11.85
CA ASP E 132 -20.00 26.55 -11.86
C ASP E 132 -20.73 27.02 -10.60
N ILE E 133 -20.31 28.19 -10.11
CA ILE E 133 -20.89 28.77 -8.90
C ILE E 133 -21.70 29.99 -9.27
N TYR E 134 -22.22 30.00 -10.50
CA TYR E 134 -22.99 31.15 -10.98
C TYR E 134 -24.24 31.38 -10.15
N ASN E 135 -24.95 30.30 -9.80
CA ASN E 135 -26.20 30.36 -9.06
C ASN E 135 -26.02 29.89 -7.62
N PHE E 136 -24.90 30.27 -7.00
CA PHE E 136 -24.48 29.76 -5.69
C PHE E 136 -25.64 29.54 -4.72
N PRO E 137 -26.45 30.55 -4.44
CA PRO E 137 -27.50 30.34 -3.41
C PRO E 137 -28.47 29.23 -3.75
N PHE E 138 -28.81 29.07 -5.03
CA PHE E 138 -29.68 28.01 -5.51
C PHE E 138 -28.99 27.21 -6.60
N ASP E 139 -27.72 26.88 -6.39
CA ASP E 139 -26.91 26.25 -7.43
C ASP E 139 -27.39 24.84 -7.71
N VAL E 140 -27.33 24.46 -8.98
CA VAL E 140 -27.60 23.09 -9.43
C VAL E 140 -26.43 22.65 -10.29
N GLN E 141 -25.87 21.49 -9.98
CA GLN E 141 -24.68 20.98 -10.65
C GLN E 141 -25.02 19.73 -11.45
N ASN E 142 -24.16 19.45 -12.44
CA ASN E 142 -24.35 18.31 -13.35
C ASN E 142 -22.98 17.68 -13.58
N CYS E 143 -22.65 16.67 -12.78
CA CYS E 143 -21.40 15.95 -12.90
C CYS E 143 -21.68 14.55 -13.45
N SER E 144 -20.69 13.97 -14.12
CA SER E 144 -20.85 12.71 -14.83
C SER E 144 -19.83 11.69 -14.36
N LEU E 145 -20.28 10.45 -14.24
CA LEU E 145 -19.42 9.30 -14.00
C LEU E 145 -19.53 8.36 -15.19
N THR E 146 -18.40 8.03 -15.81
CA THR E 146 -18.36 7.17 -16.98
C THR E 146 -17.54 5.93 -16.65
N PHE E 147 -18.15 4.76 -16.79
CA PHE E 147 -17.50 3.49 -16.55
C PHE E 147 -17.20 2.82 -17.89
N THR E 148 -15.95 2.43 -18.08
CA THR E 148 -15.50 1.87 -19.34
C THR E 148 -14.50 0.74 -19.10
N SER E 149 -14.43 -0.17 -20.05
CA SER E 149 -13.34 -1.14 -20.10
C SER E 149 -12.07 -0.39 -20.51
N TRP E 150 -11.16 -0.18 -19.55
CA TRP E 150 -10.04 0.73 -19.79
C TRP E 150 -9.22 0.30 -20.99
N LEU E 151 -8.99 -1.00 -21.13
CA LEU E 151 -8.16 -1.53 -22.21
C LEU E 151 -8.97 -2.28 -23.26
N HIS E 152 -9.82 -3.22 -22.83
CA HIS E 152 -10.54 -4.07 -23.77
C HIS E 152 -11.50 -3.24 -24.63
N THR E 153 -11.57 -3.59 -25.92
CA THR E 153 -12.47 -2.93 -26.84
C THR E 153 -13.88 -3.49 -26.68
N ILE E 154 -14.81 -2.96 -27.49
CA ILE E 154 -16.18 -3.44 -27.44
C ILE E 154 -16.26 -4.90 -27.87
N GLN E 155 -15.40 -5.32 -28.81
CA GLN E 155 -15.39 -6.70 -29.26
C GLN E 155 -14.95 -7.68 -28.18
N ASP E 156 -14.35 -7.20 -27.10
CA ASP E 156 -13.93 -8.04 -25.98
C ASP E 156 -14.77 -7.84 -24.74
N ILE E 157 -15.04 -6.60 -24.35
CA ILE E 157 -15.85 -6.29 -23.18
C ILE E 157 -16.89 -5.26 -23.57
N ASN E 158 -18.15 -5.52 -23.22
CA ASN E 158 -19.24 -4.58 -23.44
C ASN E 158 -19.97 -4.35 -22.12
N ILE E 159 -20.52 -3.15 -21.97
CA ILE E 159 -21.11 -2.70 -20.71
C ILE E 159 -22.60 -2.47 -20.94
N SER E 160 -23.42 -3.00 -20.02
CA SER E 160 -24.87 -2.84 -20.07
C SER E 160 -25.37 -2.47 -18.69
N LEU E 161 -26.68 -2.30 -18.56
CA LEU E 161 -27.31 -1.90 -17.31
C LEU E 161 -27.96 -3.10 -16.64
N TRP E 162 -27.71 -3.25 -15.34
CA TRP E 162 -28.35 -4.32 -14.57
C TRP E 162 -29.86 -4.10 -14.49
N ARG E 163 -30.27 -2.89 -14.12
CA ARG E 163 -31.68 -2.53 -13.98
C ARG E 163 -32.11 -1.66 -15.14
N LEU E 164 -33.42 -1.44 -15.23
CA LEU E 164 -33.95 -0.57 -16.26
C LEU E 164 -33.50 0.87 -16.02
N PRO E 165 -33.32 1.66 -17.09
CA PRO E 165 -32.79 3.02 -16.89
C PRO E 165 -33.65 3.89 -15.98
N GLU E 166 -34.98 3.74 -16.05
CA GLU E 166 -35.84 4.59 -15.25
C GLU E 166 -35.77 4.26 -13.77
N LYS E 167 -35.61 2.97 -13.42
CA LYS E 167 -35.54 2.60 -12.02
C LYS E 167 -34.28 3.16 -11.36
N VAL E 168 -33.14 3.08 -12.04
CA VAL E 168 -31.90 3.64 -11.51
C VAL E 168 -31.88 5.16 -11.59
N LYS E 169 -32.64 5.75 -12.52
CA LYS E 169 -32.67 7.20 -12.66
C LYS E 169 -33.30 7.88 -11.46
N SER E 170 -34.22 7.21 -10.76
CA SER E 170 -34.88 7.81 -9.61
C SER E 170 -34.63 6.98 -8.35
N ASP E 171 -33.38 6.57 -8.15
CA ASP E 171 -33.01 5.70 -7.04
C ASP E 171 -32.44 6.56 -5.91
N ARG E 172 -33.25 6.78 -4.88
CA ARG E 172 -32.82 7.48 -3.67
C ARG E 172 -33.10 6.61 -2.44
N SER E 173 -33.03 5.29 -2.60
CA SER E 173 -33.43 4.38 -1.53
C SER E 173 -32.43 4.36 -0.38
N VAL E 174 -31.15 4.56 -0.65
CA VAL E 174 -30.12 4.42 0.37
C VAL E 174 -29.29 5.70 0.47
N PHE E 175 -29.74 6.75 -0.20
CA PHE E 175 -29.01 8.02 -0.18
C PHE E 175 -29.06 8.64 1.21
N MET E 176 -27.95 9.26 1.61
CA MET E 176 -27.87 10.00 2.87
C MET E 176 -28.47 11.38 2.64
N ASN E 177 -29.78 11.49 2.81
CA ASN E 177 -30.51 12.72 2.47
C ASN E 177 -30.54 13.66 3.67
N GLN E 178 -29.33 13.96 4.19
CA GLN E 178 -29.19 14.94 5.25
C GLN E 178 -27.98 15.84 5.05
N GLY E 179 -27.34 15.82 3.89
CA GLY E 179 -26.19 16.65 3.60
C GLY E 179 -26.57 17.96 2.93
N GLU E 180 -25.53 18.72 2.58
CA GLU E 180 -25.75 20.00 1.93
C GLU E 180 -26.33 19.86 0.52
N TRP E 181 -26.19 18.69 -0.09
CA TRP E 181 -26.62 18.45 -1.46
C TRP E 181 -27.75 17.43 -1.51
N GLU E 182 -28.65 17.62 -2.46
CA GLU E 182 -29.77 16.72 -2.68
C GLU E 182 -29.65 16.10 -4.07
N LEU E 183 -29.85 14.79 -4.15
CA LEU E 183 -29.73 14.07 -5.41
C LEU E 183 -31.08 14.12 -6.15
N LEU E 184 -31.05 14.65 -7.37
CA LEU E 184 -32.25 14.72 -8.19
C LEU E 184 -32.40 13.52 -9.12
N GLY E 185 -31.30 12.93 -9.56
CA GLY E 185 -31.37 11.76 -10.42
C GLY E 185 -29.98 11.32 -10.83
N VAL E 186 -29.93 10.09 -11.34
CA VAL E 186 -28.70 9.49 -11.85
C VAL E 186 -29.02 8.98 -13.26
N LEU E 187 -28.75 9.81 -14.26
CA LEU E 187 -29.16 9.50 -15.63
C LEU E 187 -28.07 8.68 -16.31
N PRO E 188 -28.35 7.44 -16.73
CA PRO E 188 -27.36 6.67 -17.48
C PRO E 188 -27.35 7.05 -18.96
N TYR E 189 -26.28 6.62 -19.64
CA TYR E 189 -26.16 6.87 -21.07
C TYR E 189 -25.05 5.99 -21.64
N PHE E 190 -25.34 5.30 -22.75
CA PHE E 190 -24.39 4.41 -23.40
C PHE E 190 -23.89 5.05 -24.68
N ARG E 191 -22.57 5.02 -24.87
CA ARG E 191 -21.96 5.59 -26.05
C ARG E 191 -20.73 4.76 -26.42
N GLU E 192 -20.50 4.60 -27.72
CA GLU E 192 -19.32 3.91 -28.21
C GLU E 192 -18.22 4.94 -28.44
N PHE E 193 -17.13 4.81 -27.69
CA PHE E 193 -16.03 5.76 -27.71
C PHE E 193 -14.92 5.23 -28.60
N SER E 194 -14.53 6.02 -29.60
CA SER E 194 -13.51 5.62 -30.55
C SER E 194 -12.68 6.83 -30.95
N MET E 195 -11.36 6.68 -30.90
CA MET E 195 -10.43 7.70 -31.36
C MET E 195 -9.59 7.20 -32.53
N GLU E 196 -9.08 5.97 -32.46
CA GLU E 196 -8.39 5.38 -33.59
C GLU E 196 -9.41 4.96 -34.65
N SER E 197 -8.89 4.65 -35.84
CA SER E 197 -9.74 4.30 -36.97
C SER E 197 -10.33 2.90 -36.89
N SER E 198 -9.90 2.08 -35.94
CA SER E 198 -10.34 0.70 -35.86
C SER E 198 -10.76 0.24 -34.47
N ASN E 199 -10.51 1.02 -33.43
CA ASN E 199 -10.81 0.61 -32.07
C ASN E 199 -12.05 1.33 -31.56
N TYR E 200 -13.01 0.56 -31.06
CA TYR E 200 -14.23 1.09 -30.46
C TYR E 200 -14.33 0.57 -29.03
N TYR E 201 -14.55 1.48 -28.08
CA TYR E 201 -14.67 1.14 -26.68
C TYR E 201 -16.05 1.53 -26.18
N ALA E 202 -16.64 0.66 -25.36
CA ALA E 202 -17.98 0.88 -24.81
C ALA E 202 -17.88 1.47 -23.42
N GLU E 203 -18.62 2.55 -23.19
CA GLU E 203 -18.65 3.21 -21.89
C GLU E 203 -20.09 3.58 -21.55
N MET E 204 -20.35 3.70 -20.24
CA MET E 204 -21.67 4.05 -19.74
C MET E 204 -21.54 5.27 -18.85
N LYS E 205 -22.16 6.37 -19.26
CA LYS E 205 -22.08 7.63 -18.52
C LYS E 205 -23.25 7.75 -17.56
N PHE E 206 -22.94 8.05 -16.30
CA PHE E 206 -23.94 8.29 -15.26
C PHE E 206 -23.86 9.75 -14.85
N TYR E 207 -24.92 10.52 -15.13
CA TYR E 207 -24.98 11.93 -14.78
C TYR E 207 -25.65 12.07 -13.42
N VAL E 208 -24.88 12.52 -12.43
CA VAL E 208 -25.42 12.76 -11.09
C VAL E 208 -25.86 14.21 -11.03
N VAL E 209 -27.18 14.42 -10.90
CA VAL E 209 -27.77 15.75 -10.88
C VAL E 209 -28.05 16.11 -9.42
N ILE E 210 -27.51 17.22 -8.96
CA ILE E 210 -27.61 17.64 -7.57
C ILE E 210 -27.86 19.13 -7.51
N ARG E 211 -28.67 19.56 -6.54
CA ARG E 211 -28.95 20.96 -6.30
C ARG E 211 -28.72 21.27 -4.82
N ARG E 212 -28.17 22.44 -4.56
CA ARG E 212 -27.83 22.83 -3.20
C ARG E 212 -29.09 23.14 -2.39
N ARG E 213 -28.95 23.10 -1.08
CA ARG E 213 -30.06 23.40 -0.18
C ARG E 213 -29.54 23.96 1.15
C1 NAG F . -29.64 -13.85 12.93
C2 NAG F . -30.87 -14.74 13.07
C3 NAG F . -31.97 -13.99 13.82
C4 NAG F . -31.45 -13.44 15.13
C5 NAG F . -30.17 -12.63 14.91
C6 NAG F . -29.53 -12.17 16.20
C7 NAG F . -30.84 -16.25 11.13
C8 NAG F . -31.47 -16.58 9.81
N2 NAG F . -31.35 -15.19 11.77
O3 NAG F . -33.07 -14.87 14.05
O4 NAG F . -32.43 -12.60 15.72
O5 NAG F . -29.21 -13.42 14.21
O6 NAG F . -28.87 -13.25 16.85
O7 NAG F . -29.93 -16.92 11.60
C1 NAG F . -32.83 -13.14 17.00
C2 NAG F . -33.89 -12.21 17.61
C3 NAG F . -34.37 -12.75 18.94
C4 NAG F . -34.86 -14.19 18.78
C5 NAG F . -33.77 -15.05 18.12
C6 NAG F . -34.24 -16.46 17.82
C7 NAG F . -32.30 -10.57 18.51
C8 NAG F . -31.91 -9.11 18.56
N2 NAG F . -33.37 -10.86 17.76
O3 NAG F . -35.43 -11.95 19.43
O4 NAG F . -35.18 -14.75 20.05
O5 NAG F . -33.38 -14.46 16.87
O6 NAG F . -35.03 -16.49 16.65
O7 NAG F . -31.67 -11.42 19.12
C1 NAG G . -29.97 8.15 19.19
C2 NAG G . -30.88 8.43 20.38
C3 NAG G . -31.42 7.12 20.94
C4 NAG G . -32.09 6.30 19.83
C5 NAG G . -31.15 6.14 18.63
C6 NAG G . -31.82 5.48 17.45
C7 NAG G . -30.43 10.47 21.66
C8 NAG G . -29.62 11.09 22.75
N2 NAG G . -30.19 9.19 21.41
O3 NAG G . -32.36 7.40 21.97
O4 NAG G . -32.42 5.02 20.33
O5 NAG G . -30.69 7.42 18.19
O6 NAG G . -32.78 6.34 16.86
O7 NAG G . -31.26 11.11 21.02
C1 NAG G . -33.85 4.86 20.36
C2 NAG G . -34.16 3.45 20.88
C3 NAG G . -35.67 3.24 20.97
C4 NAG G . -36.31 4.35 21.80
C5 NAG G . -35.91 5.72 21.24
C6 NAG G . -36.41 6.86 22.10
C7 NAG G . -32.48 1.73 20.39
C8 NAG G . -31.99 0.72 19.40
N2 NAG G . -33.56 2.44 20.03
O3 NAG G . -35.94 1.98 21.56
O4 NAG G . -37.73 4.23 21.75
O5 NAG G . -34.48 5.83 21.20
O6 NAG G . -37.82 6.83 22.24
O7 NAG G . -31.93 1.90 21.48
C1 NAG H . 6.14 -10.91 32.90
C2 NAG H . 6.16 -11.79 34.15
C3 NAG H . 6.18 -10.91 35.40
C4 NAG H . 7.33 -9.91 35.34
C5 NAG H . 7.28 -9.13 34.02
C6 NAG H . 8.47 -8.22 33.83
C7 NAG H . 4.99 -13.85 33.54
C8 NAG H . 3.72 -14.66 33.69
N2 NAG H . 5.01 -12.69 34.17
O3 NAG H . 6.33 -11.74 36.55
O4 NAG H . 7.23 -9.00 36.42
O5 NAG H . 7.26 -10.04 32.91
O6 NAG H . 9.64 -8.96 33.49
O7 NAG H . 5.93 -14.26 32.87
C1 NAG H . 8.40 -9.10 37.26
C2 NAG H . 8.26 -8.11 38.40
C3 NAG H . 9.46 -8.21 39.34
C4 NAG H . 9.64 -9.64 39.81
C5 NAG H . 9.72 -10.58 38.61
C6 NAG H . 9.79 -12.04 39.00
C7 NAG H . 9.02 -6.13 37.14
C8 NAG H . 8.69 -4.73 36.73
N2 NAG H . 8.11 -6.75 37.91
O3 NAG H . 9.25 -7.36 40.46
O4 NAG H . 10.84 -9.75 40.58
O5 NAG H . 8.55 -10.43 37.79
O6 NAG H . 8.49 -12.53 39.36
O7 NAG H . 10.06 -6.68 36.81
C1 NAG I . 3.98 11.83 34.30
C2 NAG I . 4.62 12.42 35.55
C3 NAG I . 5.38 11.35 36.31
C4 NAG I . 4.47 10.16 36.60
C5 NAG I . 3.79 9.67 35.32
C6 NAG I . 2.75 8.61 35.57
C7 NAG I . 5.20 14.81 35.47
C8 NAG I . 6.22 15.82 35.05
N2 NAG I . 5.50 13.53 35.21
O3 NAG I . 5.89 11.87 37.53
O4 NAG I . 5.24 9.08 37.14
O5 NAG I . 3.12 10.76 34.67
O6 NAG I . 1.61 9.13 36.23
O7 NAG I . 4.14 15.14 36.00
C1 NAG I . 4.83 8.84 38.50
C2 NAG I . 5.67 7.68 39.04
C3 NAG I . 5.32 7.40 40.49
C4 NAG I . 5.44 8.67 41.32
C5 NAG I . 4.63 9.79 40.70
C6 NAG I . 4.81 11.12 41.40
C7 NAG I . 6.40 6.02 37.38
C8 NAG I . 6.03 4.78 36.62
N2 NAG I . 5.48 6.49 38.22
O3 NAG I . 6.18 6.39 41.01
O4 NAG I . 4.98 8.43 42.64
O5 NAG I . 5.03 9.99 39.33
O6 NAG I . 4.48 11.03 42.77
O7 NAG I . 7.47 6.59 37.21
C1 NAG J . 34.56 1.18 6.07
C2 NAG J . 35.96 0.76 6.53
C3 NAG J . 36.78 2.00 6.90
C4 NAG J . 36.78 3.00 5.76
C5 NAG J . 35.36 3.31 5.31
C6 NAG J . 35.29 4.19 4.09
C7 NAG J . 35.71 -1.48 7.50
C8 NAG J . 35.67 -2.28 8.77
N2 NAG J . 35.90 -0.16 7.65
O3 NAG J . 38.11 1.60 7.20
O4 NAG J . 37.40 4.22 6.19
O5 NAG J . 34.66 2.09 4.98
O6 NAG J . 35.62 3.48 2.92
O7 NAG J . 35.58 -2.00 6.41
C1 NAG J . 38.56 4.48 5.39
C2 NAG J . 39.20 5.79 5.87
C3 NAG J . 40.46 6.09 5.09
C4 NAG J . 41.42 4.91 5.14
C5 NAG J . 40.70 3.63 4.69
C6 NAG J . 41.55 2.38 4.83
C7 NAG J . 37.69 7.28 4.64
C8 NAG J . 36.74 8.45 4.74
N2 NAG J . 38.25 6.89 5.79
O3 NAG J . 41.09 7.24 5.63
O4 NAG J . 42.53 5.14 4.29
O5 NAG J . 39.52 3.42 5.49
O6 NAG J . 41.59 1.95 6.18
O7 NAG J . 37.94 6.73 3.57
C1 NAG K . 27.49 22.89 7.57
C2 NAG K . 28.61 23.90 7.38
C3 NAG K . 29.90 23.20 6.98
C4 NAG K . 30.24 22.10 7.98
C5 NAG K . 29.03 21.18 8.20
C6 NAG K . 29.26 20.17 9.30
C7 NAG K . 27.94 26.17 6.70
C8 NAG K . 27.59 27.06 5.56
N2 NAG K . 28.25 24.90 6.39
O3 NAG K . 30.96 24.14 6.91
O4 NAG K . 31.33 21.33 7.50
O5 NAG K . 27.88 21.94 8.56
O6 NAG K . 29.28 20.80 10.58
O7 NAG K . 27.94 26.57 7.86
C1 NAG K . 32.47 21.51 8.36
C2 NAG K . 33.61 20.65 7.82
C3 NAG K . 34.86 20.85 8.67
C4 NAG K . 35.22 22.32 8.78
C5 NAG K . 34.00 23.11 9.28
C6 NAG K . 34.25 24.61 9.29
C7 NAG K . 32.95 18.61 6.63
C8 NAG K . 32.58 17.17 6.77
N2 NAG K . 33.23 19.25 7.77
O3 NAG K . 35.95 20.13 8.08
O4 NAG K . 36.29 22.49 9.69
O5 NAG K . 32.88 22.89 8.42
O6 NAG K . 35.37 24.94 10.09
O7 NAG K . 32.99 19.17 5.54
C1 NAG L . 16.54 5.76 -30.41
C2 NAG L . 17.55 5.64 -31.54
C3 NAG L . 17.73 6.98 -32.24
C4 NAG L . 16.39 7.55 -32.68
C5 NAG L . 15.42 7.58 -31.50
C6 NAG L . 14.02 7.99 -31.90
C7 NAG L . 19.09 3.84 -30.87
C8 NAG L . 20.46 3.51 -30.36
N2 NAG L . 18.83 5.14 -31.06
O3 NAG L . 18.58 6.81 -33.37
O4 NAG L . 16.57 8.87 -33.17
O5 NAG L . 15.30 6.27 -30.93
O6 NAG L . 13.35 6.94 -32.59
O7 NAG L . 18.25 2.97 -31.10
C1 NAG L . 16.16 8.94 -34.55
C2 NAG L . 16.36 10.38 -35.04
C3 NAG L . 15.98 10.49 -36.51
C4 NAG L . 16.76 9.47 -37.33
C5 NAG L . 16.55 8.07 -36.75
C6 NAG L . 17.39 7.02 -37.44
C7 NAG L . 14.25 11.26 -34.12
C8 NAG L . 13.62 12.30 -33.25
N2 NAG L . 15.59 11.32 -34.23
O3 NAG L . 16.28 11.80 -36.97
O4 NAG L . 16.30 9.48 -38.68
O5 NAG L . 16.93 8.05 -35.37
O6 NAG L . 18.74 7.05 -37.00
O7 NAG L . 13.58 10.41 -34.69
C1 NAG M . 8.08 26.12 -24.26
C2 NAG M . 7.94 27.10 -25.42
C3 NAG M . 8.27 26.39 -26.74
C4 NAG M . 9.63 25.72 -26.66
C5 NAG M . 9.73 24.84 -25.42
C6 NAG M . 11.12 24.28 -25.21
C7 NAG M . 6.35 28.95 -25.13
C8 NAG M . 4.92 29.37 -25.24
N2 NAG M . 6.61 27.67 -25.47
O3 NAG M . 8.24 27.33 -27.80
O4 NAG M . 9.84 24.92 -27.82
O5 NAG M . 9.40 25.58 -24.24
O6 NAG M . 12.03 25.30 -24.82
O7 NAG M . 7.23 29.70 -24.76
C1 NAG M . 10.92 25.47 -28.60
C2 NAG M . 11.12 24.57 -29.82
C3 NAG M . 12.22 25.12 -30.71
C4 NAG M . 11.94 26.58 -31.06
C5 NAG M . 11.69 27.40 -29.81
C6 NAG M . 11.28 28.82 -30.10
C7 NAG M . 10.55 22.20 -29.51
C8 NAG M . 11.04 20.86 -29.04
N2 NAG M . 11.43 23.20 -29.42
O3 NAG M . 12.31 24.35 -31.90
O4 NAG M . 13.04 27.13 -31.78
O5 NAG M . 10.63 26.80 -29.03
O6 NAG M . 12.24 29.50 -30.89
O7 NAG M . 9.41 22.37 -29.94
C1 NAG N . -23.16 -3.46 -26.23
C2 NAG N . -23.78 -3.88 -27.56
C3 NAG N . -24.80 -2.83 -28.02
C4 NAG N . -25.82 -2.55 -26.93
C5 NAG N . -25.12 -2.21 -25.61
C6 NAG N . -26.07 -2.07 -24.45
C7 NAG N . -22.08 -5.22 -28.71
C8 NAG N . -21.07 -5.25 -29.81
N2 NAG N . -22.77 -4.08 -28.58
O3 NAG N . -25.46 -3.29 -29.19
O4 NAG N . -26.64 -1.45 -27.30
O5 NAG N . -24.19 -3.26 -25.26
O6 NAG N . -26.54 -3.33 -24.00
O7 NAG N . -22.26 -6.18 -27.96
C1 NAG N . -28.01 -1.87 -27.39
C2 NAG N . -28.86 -0.67 -27.80
C3 NAG N . -30.32 -1.08 -27.94
C4 NAG N . -30.45 -2.26 -28.91
C5 NAG N . -29.53 -3.40 -28.47
C6 NAG N . -29.51 -4.54 -29.45
C7 NAG N . -29.04 0.29 -25.54
C8 NAG N . -28.84 1.51 -24.70
N2 NAG N . -28.72 0.41 -26.83
O3 NAG N . -31.08 0.03 -28.44
O4 NAG N . -31.79 -2.72 -28.94
O5 NAG N . -28.18 -2.92 -28.35
O6 NAG N . -28.68 -4.26 -30.57
O7 NAG N . -29.48 -0.76 -25.07
C1 NAG O . -27.43 17.03 -16.98
C2 NAG O . -28.84 17.55 -17.28
C3 NAG O . -29.64 16.48 -18.00
C4 NAG O . -28.90 16.00 -19.24
C5 NAG O . -27.47 15.58 -18.88
C6 NAG O . -26.63 15.23 -20.09
C7 NAG O . -29.72 19.27 -15.76
C8 NAG O . -30.44 19.52 -14.47
N2 NAG O . -29.51 17.98 -16.06
O3 NAG O . -30.91 17.01 -18.38
O4 NAG O . -29.58 14.87 -19.79
O5 NAG O . -26.80 16.64 -18.20
O6 NAG O . -26.33 16.39 -20.86
O7 NAG O . -29.36 20.17 -16.49
C1 NAG O . -30.10 15.21 -21.10
C2 NAG O . -30.80 13.98 -21.66
C3 NAG O . -31.41 14.30 -23.02
C4 NAG O . -32.31 15.52 -22.92
C5 NAG O . -31.55 16.69 -22.30
C6 NAG O . -32.42 17.90 -22.06
C7 NAG O . -29.91 11.81 -20.93
C8 NAG O . -28.89 10.75 -21.18
N2 NAG O . -29.88 12.86 -21.75
O3 NAG O . -32.16 13.17 -23.48
O4 NAG O . -32.75 15.89 -24.23
O5 NAG O . -31.02 16.31 -21.03
O6 NAG O . -33.04 18.35 -23.27
O7 NAG O . -30.73 11.73 -20.01
C1 NAG P . -4.14 -34.30 29.18
C2 NAG P . -2.99 -34.98 29.92
C3 NAG P . -3.46 -36.29 30.54
C4 NAG P . -4.69 -36.08 31.39
C5 NAG P . -5.77 -35.36 30.60
C6 NAG P . -6.98 -35.00 31.44
C7 NAG P . -0.81 -34.37 28.98
C8 NAG P . 0.27 -34.75 28.01
N2 NAG P . -1.86 -35.20 29.04
O3 NAG P . -2.41 -36.85 31.31
O4 NAG P . -5.20 -37.33 31.85
O5 NAG P . -5.25 -34.12 30.07
O6 NAG P . -6.68 -33.98 32.36
O7 NAG P . -0.73 -33.37 29.67
C01 VTX Q . -31.88 -2.09 -6.07
C02 VTX Q . -30.79 -2.38 -5.03
C03 VTX Q . -30.34 -3.66 -4.85
C04 VTX Q . -29.35 -3.93 -3.91
C05 VTX Q . -28.81 -2.88 -3.13
C07 VTX Q . -25.88 -3.05 -2.65
C08 VTX Q . -25.77 -2.55 -3.94
C09 VTX Q . -24.55 -2.45 -4.55
C10 VTX Q . -23.41 -2.82 -3.88
C11 VTX Q . -23.49 -3.31 -2.59
C12 VTX Q . -24.73 -3.43 -1.94
C14 VTX Q . -25.27 -5.28 -0.36
C15 VTX Q . -25.33 -5.81 1.07
C17 VTX Q . -24.23 -3.81 1.88
C18 VTX Q . -24.10 -3.29 0.46
C19 VTX Q . -29.31 -1.58 -3.35
C20 VTX Q . -28.76 -0.40 -2.54
C21 VTX Q . -30.28 -1.38 -4.29
N13 VTX Q . -24.82 -3.94 -0.58
N16 VTX Q . -24.25 -5.29 1.92
S06 VTX Q . -27.52 -3.18 -1.89
C1 NAG R . 35.96 -22.69 15.46
C2 NAG R . 37.22 -22.99 14.66
C3 NAG R . 38.06 -24.05 15.37
C4 NAG R . 38.33 -23.65 16.81
C5 NAG R . 37.02 -23.32 17.52
C6 NAG R . 37.22 -22.80 18.93
C7 NAG R . 36.92 -22.57 12.26
C8 NAG R . 36.56 -23.17 10.94
N2 NAG R . 36.90 -23.40 13.30
O3 NAG R . 39.29 -24.23 14.67
O4 NAG R . 38.98 -24.71 17.50
O5 NAG R . 36.31 -22.31 16.80
O6 NAG R . 37.79 -21.50 18.91
O7 NAG R . 37.21 -21.39 12.37
C01 VTX S . -15.31 -6.46 27.98
C02 VTX S . -13.94 -6.30 27.33
C03 VTX S . -13.20 -7.40 27.03
C04 VTX S . -11.93 -7.26 26.44
C05 VTX S . -11.43 -5.97 26.14
C07 VTX S . -9.97 -5.75 23.56
C08 VTX S . -11.24 -5.72 23.00
C09 VTX S . -11.39 -5.72 21.64
C10 VTX S . -10.30 -5.76 20.81
C11 VTX S . -9.02 -5.78 21.36
C12 VTX S . -8.84 -5.78 22.74
C14 VTX S . -7.00 -7.03 23.88
C15 VTX S . -5.58 -7.05 24.44
C17 VTX S . -5.19 -4.81 23.59
C18 VTX S . -6.57 -4.79 22.96
C19 VTX S . -12.24 -4.87 26.46
C20 VTX S . -11.76 -3.45 26.18
C21 VTX S . -13.47 -5.06 27.04
N13 VTX S . -7.50 -5.81 23.31
N16 VTX S . -4.65 -6.18 23.69
S06 VTX S . -9.80 -5.74 25.37
C1 NAG T . 33.37 -13.33 -27.40
C2 NAG T . 33.20 -13.77 -28.86
C3 NAG T . 34.46 -14.48 -29.34
C4 NAG T . 35.68 -13.61 -29.10
C5 NAG T . 35.75 -13.17 -27.65
C6 NAG T . 36.87 -12.20 -27.37
C7 NAG T . 30.84 -14.19 -29.42
C8 NAG T . 29.76 -15.21 -29.52
N2 NAG T . 32.04 -14.63 -29.00
O3 NAG T . 34.33 -14.78 -30.72
O4 NAG T . 36.86 -14.33 -29.44
O5 NAG T . 34.53 -12.51 -27.28
O6 NAG T . 36.63 -10.93 -27.97
O7 NAG T . 30.65 -13.01 -29.70
C01 VTX U . 21.42 2.12 24.25
C02 VTX U . 21.27 2.16 22.73
C03 VTX U . 21.62 1.09 21.98
C04 VTX U . 21.48 1.11 20.58
C05 VTX U . 20.96 2.28 19.95
C07 VTX U . 19.12 1.75 17.68
C08 VTX U . 18.19 1.50 18.67
C09 VTX U . 16.94 1.04 18.34
C10 VTX U . 16.61 0.82 17.03
C11 VTX U . 17.52 1.07 16.02
C12 VTX U . 18.81 1.54 16.33
C14 VTX U . 20.84 0.88 15.06
C15 VTX U . 21.84 1.15 13.92
C17 VTX U . 20.48 3.01 13.16
C18 VTX U . 19.44 2.72 14.23
C19 VTX U . 20.61 3.36 20.78
C20 VTX U . 20.04 4.64 20.16
C21 VTX U . 20.76 3.27 22.13
N13 VTX U . 19.77 1.80 15.27
N16 VTX U . 21.20 1.80 12.76
S06 VTX U . 20.77 2.36 18.15
C1 NAG V . -8.31 -19.17 -40.06
C2 NAG V . -9.49 -20.09 -40.38
C3 NAG V . -9.24 -20.83 -41.69
C4 NAG V . -8.92 -19.84 -42.80
C5 NAG V . -7.77 -18.92 -42.39
C6 NAG V . -7.49 -17.84 -43.40
C7 NAG V . -10.63 -20.85 -38.34
C8 NAG V . -10.73 -21.93 -37.30
N2 NAG V . -9.72 -21.04 -39.30
O3 NAG V . -10.40 -21.58 -42.03
O4 NAG V . -8.57 -20.54 -43.99
O5 NAG V . -8.09 -18.27 -41.15
O6 NAG V . -8.53 -16.87 -43.42
O7 NAG V . -11.35 -19.85 -38.31
C01 VTX W . 27.75 11.74 -11.90
C02 VTX W . 26.35 11.26 -12.27
C03 VTX W . 26.18 10.02 -12.82
C04 VTX W . 24.89 9.58 -13.17
C05 VTX W . 23.77 10.42 -12.95
C07 VTX W . 21.34 9.02 -11.98
C08 VTX W . 21.98 9.05 -10.75
C09 VTX W . 21.43 8.42 -9.67
C10 VTX W . 20.24 7.74 -9.79
C11 VTX W . 19.58 7.71 -11.00
C12 VTX W . 20.12 8.35 -12.13
C14 VTX W . 19.92 7.46 -14.45
C15 VTX W . 19.16 7.41 -15.77
C17 VTX W . 17.40 8.79 -14.86
C18 VTX W . 18.09 8.80 -13.49
C19 VTX W . 24.01 11.69 -12.39
C20 VTX W . 22.84 12.64 -12.12
C21 VTX W . 25.29 12.07 -12.06
N13 VTX W . 19.43 8.31 -13.41
N16 VTX W . 17.70 7.58 -15.62
S06 VTX W . 22.10 9.88 -13.39
C1 NAG X . -31.42 -32.10 -5.15
C2 NAG X . -31.78 -33.16 -4.11
C3 NAG X . -32.61 -34.26 -4.75
C4 NAG X . -33.82 -33.67 -5.46
C5 NAG X . -33.38 -32.59 -6.44
C6 NAG X . -34.54 -31.88 -7.10
C7 NAG X . -30.11 -33.29 -2.32
C8 NAG X . -28.87 -33.97 -1.83
N2 NAG X . -30.58 -33.70 -3.50
O3 NAG X . -33.03 -35.18 -3.75
O4 NAG X . -34.52 -34.69 -6.17
O5 NAG X . -32.61 -31.59 -5.76
O6 NAG X . -35.23 -31.06 -6.18
O7 NAG X . -30.66 -32.40 -1.68
C01 VTX Y . -5.18 9.20 -30.77
C02 VTX Y . -5.80 8.50 -29.55
C03 VTX Y . -5.93 7.14 -29.53
C04 VTX Y . -6.51 6.51 -28.43
C05 VTX Y . -6.97 7.29 -27.33
C07 VTX Y . -6.44 6.09 -24.65
C08 VTX Y . -5.15 6.58 -24.83
C09 VTX Y . -4.17 6.29 -23.94
C10 VTX Y . -4.44 5.53 -22.83
C11 VTX Y . -5.72 5.03 -22.62
C12 VTX Y . -6.75 5.31 -23.54
C14 VTX Y . -8.56 3.69 -24.08
C15 VTX Y . -9.96 3.14 -23.82
C17 VTX Y . -10.20 4.61 -21.91
C18 VTX Y . -8.77 5.13 -22.10
C19 VTX Y . -6.82 8.67 -27.40
C20 VTX Y . -7.30 9.56 -26.26
C21 VTX Y . -6.25 9.25 -28.50
N13 VTX Y . -8.09 4.80 -23.31
N16 VTX Y . -10.35 3.23 -22.40
S06 VTX Y . -7.73 6.50 -25.87
#